data_3TUJ
#
_entry.id   3TUJ
#
_cell.length_a   155.750
_cell.length_b   164.130
_cell.length_c   212.040
_cell.angle_alpha   90.000
_cell.angle_beta   90.000
_cell.angle_gamma   90.000
#
_symmetry.space_group_name_H-M   'I 2 2 2'
#
loop_
_entity.id
_entity.type
_entity.pdbx_description
1 polymer 'D-methionine transport system permease protein metI'
2 polymer 'Methionine import ATP-binding protein MetN'
#
loop_
_entity_poly.entity_id
_entity_poly.type
_entity_poly.pdbx_seq_one_letter_code
_entity_poly.pdbx_strand_id
1 'polypeptide(L)'
;(MSE)SEP(MSE)(MSE)WLLVRGVWETLA(MSE)TFVSGFFGFVIGLPVGVLLYVTRPGQIIANAKLYRTVSAIVNIFR
SIPFIILLVW(MSE)IPFTRVIVGTSIGLQAAIVPLTVGAAPFIAR(MSE)VENALLEIPTGLIEASRA(MSE)GATP
(MSE)QIVRKVLLPEALPGLVNAATITLITLVGYSA(MSE)GGAVGAGGLGQIGYQYGYIGYNATV(MSE)NTVLVLLVI
LVYLIQFAGDRIVRAVTRK
;
A,B
2 'polypeptide(L)'
;(MSE)GHHHHHHHHHHSSGHIDDDDKH(MSE)IKLSNITKVFHQGTRTIQALNNVSLHVPAGQIYGVIGASGAGKSTLIR
CVNLLERPTEGSVLVDGQELTTLSESELTKARRQIG(MSE)IFQHFNLLSSRTVFGNVALPLELDNTPKDEVKRRVTELL
SLVGLGDKHDSYPSNLSGGQKQRVAIARALASNPKVLLCDQATSALDPATTRSILELLKDINRRLGLTILLITHE(MSE)
DVVKRICDCVAVISNGELIEQDTVSEVFSHPKTPLAQKFIQSTLHLDIPEDYQERLQAEPFTDCVP(MSE)LRLEFTGQS
VDAPLLSETARRFNVNNNIISAQ(MSE)DYAGGVKFGI(MSE)LTE(MSE)HGTQQDTQAAIAWLQEHHVKVEVLGYV
;
C,D
#
# COMPACT_ATOMS: atom_id res chain seq x y z
N SER A 2 -27.36 -1.66 54.08
CA SER A 2 -27.32 -0.68 55.17
C SER A 2 -26.67 0.61 54.71
N GLU A 3 -27.08 1.72 55.31
CA GLU A 3 -26.59 3.05 54.92
C GLU A 3 -25.10 3.34 55.20
N PRO A 4 -24.60 3.00 56.40
CA PRO A 4 -23.18 3.24 56.67
C PRO A 4 -22.28 2.31 55.90
N TRP A 7 -21.70 3.64 52.41
CA TRP A 7 -20.68 4.68 52.47
C TRP A 7 -19.24 4.10 52.44
N LEU A 8 -19.13 2.82 52.75
CA LEU A 8 -17.85 2.14 52.65
C LEU A 8 -17.45 1.90 51.18
N LEU A 9 -18.45 1.63 50.34
CA LEU A 9 -18.21 1.46 48.93
C LEU A 9 -17.72 2.77 48.33
N VAL A 10 -18.19 3.88 48.88
CA VAL A 10 -17.74 5.19 48.42
C VAL A 10 -16.30 5.46 48.85
N ARG A 11 -15.94 4.95 50.02
CA ARG A 11 -14.56 5.08 50.48
C ARG A 11 -13.62 4.34 49.52
N GLY A 12 -14.09 3.22 48.97
CA GLY A 12 -13.27 2.41 48.09
C GLY A 12 -13.10 2.94 46.67
N VAL A 13 -14.19 3.41 46.08
CA VAL A 13 -14.12 3.90 44.74
C VAL A 13 -13.15 5.04 44.73
N TRP A 14 -13.03 5.75 45.84
CA TRP A 14 -12.04 6.80 45.91
C TRP A 14 -10.69 6.16 45.78
N GLU A 15 -10.45 5.11 46.54
CA GLU A 15 -9.11 4.54 46.61
C GLU A 15 -8.73 3.87 45.30
N THR A 16 -9.66 3.08 44.76
CA THR A 16 -9.41 2.31 43.54
C THR A 16 -9.04 3.21 42.37
N LEU A 17 -9.71 4.35 42.27
CA LEU A 17 -9.31 5.38 41.32
C LEU A 17 -7.96 5.96 41.76
N ALA A 18 -7.83 6.23 43.04
CA ALA A 18 -6.63 6.87 43.51
C ALA A 18 -5.42 6.04 43.16
N THR A 20 -5.12 3.68 40.59
CA THR A 20 -4.88 3.44 39.18
C THR A 20 -4.33 4.71 38.55
N PHE A 21 -5.01 5.83 38.77
CA PHE A 21 -4.65 7.09 38.12
C PHE A 21 -3.29 7.62 38.60
N VAL A 22 -2.94 7.39 39.85
CA VAL A 22 -1.63 7.78 40.33
C VAL A 22 -0.53 6.87 39.83
N SER A 23 -0.81 5.57 39.96
CA SER A 23 0.12 4.54 39.56
C SER A 23 0.28 4.57 38.05
N GLY A 24 -0.81 4.86 37.36
CA GLY A 24 -0.73 5.04 35.93
C GLY A 24 0.13 6.21 35.49
N PHE A 25 0.09 7.28 36.26
CA PHE A 25 0.91 8.44 35.96
C PHE A 25 2.39 8.06 36.06
N PHE A 26 2.74 7.46 37.19
CA PHE A 26 4.13 7.06 37.43
C PHE A 26 4.58 5.96 36.49
N GLY A 27 3.58 5.30 35.91
CA GLY A 27 3.84 4.31 34.90
C GLY A 27 4.41 5.03 33.71
N PHE A 28 3.66 6.00 33.20
CA PHE A 28 4.08 6.69 31.99
C PHE A 28 5.31 7.55 32.22
N VAL A 29 5.50 7.96 33.47
CA VAL A 29 6.63 8.78 33.83
C VAL A 29 7.88 7.97 33.55
N ILE A 30 7.88 6.74 34.07
CA ILE A 30 9.01 5.84 33.88
C ILE A 30 8.99 5.09 32.55
N GLY A 31 7.77 4.81 32.08
CA GLY A 31 7.58 3.96 30.91
C GLY A 31 7.65 4.56 29.52
N LEU A 32 7.16 5.79 29.40
CA LEU A 32 7.18 6.47 28.12
C LEU A 32 8.59 6.77 27.65
N PRO A 33 9.47 7.20 28.56
CA PRO A 33 10.90 7.32 28.21
C PRO A 33 11.57 5.98 27.82
N VAL A 34 11.32 4.93 28.58
CA VAL A 34 11.86 3.62 28.26
C VAL A 34 11.25 3.12 26.95
N GLY A 35 10.02 3.53 26.67
CA GLY A 35 9.40 3.13 25.42
C GLY A 35 10.03 3.80 24.21
N VAL A 36 10.30 5.10 24.35
CA VAL A 36 10.95 5.85 23.29
C VAL A 36 12.40 5.37 23.17
N LEU A 37 12.99 5.00 24.30
CA LEU A 37 14.35 4.46 24.27
C LEU A 37 14.39 3.19 23.47
N LEU A 38 13.33 2.40 23.56
CA LEU A 38 13.27 1.14 22.83
C LEU A 38 13.05 1.37 21.34
N TYR A 39 12.24 2.35 21.00
CA TYR A 39 11.95 2.66 19.59
C TYR A 39 13.15 3.22 18.85
N VAL A 40 13.88 4.09 19.53
CA VAL A 40 15.07 4.70 18.94
C VAL A 40 16.22 3.70 18.84
N THR A 41 16.30 2.78 19.79
CA THR A 41 17.41 1.84 19.80
C THR A 41 17.19 0.62 18.90
N ARG A 42 16.08 0.59 18.16
CA ARG A 42 15.89 -0.48 17.18
C ARG A 42 17.00 -0.37 16.12
N PRO A 43 17.70 -1.48 15.82
CA PRO A 43 18.70 -1.38 14.76
C PRO A 43 18.09 -0.87 13.42
N GLY A 44 18.81 0.06 12.77
CA GLY A 44 18.30 0.76 11.61
C GLY A 44 17.34 1.88 11.93
N GLN A 45 17.76 2.71 12.90
CA GLN A 45 16.97 3.86 13.33
C GLN A 45 17.92 4.92 13.87
N ILE A 46 17.34 6.08 14.25
CA ILE A 46 18.08 7.17 14.90
C ILE A 46 18.76 6.58 16.14
N ILE A 47 20.08 6.77 16.25
CA ILE A 47 20.92 6.08 17.27
C ILE A 47 20.58 4.58 17.42
N ALA A 48 20.98 3.78 16.42
CA ALA A 48 20.73 2.32 16.41
C ALA A 48 21.14 1.61 17.72
N ASN A 49 22.45 1.53 18.02
CA ASN A 49 22.95 0.91 19.28
C ASN A 49 22.27 -0.41 19.63
N ALA A 50 22.53 -1.44 18.83
CA ALA A 50 21.80 -2.72 18.91
C ALA A 50 22.00 -3.49 20.23
N LYS A 51 23.14 -3.28 20.87
CA LYS A 51 23.47 -3.99 22.11
C LYS A 51 22.64 -3.46 23.30
N LEU A 52 22.36 -2.16 23.29
CA LEU A 52 21.53 -1.53 24.32
C LEU A 52 20.09 -2.02 24.26
N TYR A 53 19.55 -2.18 23.06
CA TYR A 53 18.21 -2.71 22.87
C TYR A 53 18.10 -4.16 23.26
N ARG A 54 19.20 -4.91 23.12
CA ARG A 54 19.20 -6.29 23.58
C ARG A 54 19.07 -6.34 25.13
N THR A 55 19.72 -5.39 25.81
CA THR A 55 19.67 -5.30 27.27
C THR A 55 18.32 -4.77 27.78
N VAL A 56 17.91 -3.62 27.27
CA VAL A 56 16.72 -2.97 27.75
C VAL A 56 15.47 -3.79 27.44
N SER A 57 15.48 -4.49 26.31
CA SER A 57 14.34 -5.30 25.89
C SER A 57 14.19 -6.49 26.81
N ALA A 58 15.29 -7.21 27.04
CA ALA A 58 15.24 -8.35 27.94
C ALA A 58 14.82 -7.97 29.40
N ILE A 59 15.19 -6.76 29.83
CA ILE A 59 14.81 -6.27 31.14
C ILE A 59 13.31 -6.15 31.25
N VAL A 60 12.69 -5.48 30.29
CA VAL A 60 11.24 -5.28 30.33
C VAL A 60 10.46 -6.54 30.02
N ASN A 61 11.11 -7.54 29.42
CA ASN A 61 10.47 -8.82 29.17
C ASN A 61 10.35 -9.67 30.43
N ILE A 62 11.44 -9.72 31.18
CA ILE A 62 11.46 -10.49 32.40
C ILE A 62 10.48 -9.88 33.42
N PHE A 63 10.46 -8.55 33.53
CA PHE A 63 9.56 -7.91 34.48
C PHE A 63 8.12 -8.11 34.08
N ARG A 64 7.84 -8.00 32.79
CA ARG A 64 6.47 -8.13 32.30
C ARG A 64 6.04 -9.57 32.31
N SER A 65 6.99 -10.47 32.25
CA SER A 65 6.68 -11.88 32.32
C SER A 65 6.15 -12.31 33.74
N ILE A 66 6.59 -11.63 34.79
CA ILE A 66 6.15 -11.96 36.14
C ILE A 66 4.68 -11.65 36.32
N PRO A 67 3.89 -12.63 36.73
CA PRO A 67 2.47 -12.41 37.07
C PRO A 67 2.32 -11.42 38.24
N PHE A 68 1.17 -10.73 38.36
CA PHE A 68 1.13 -9.57 39.23
C PHE A 68 1.29 -9.86 40.73
N ILE A 69 0.52 -10.79 41.27
CA ILE A 69 0.54 -10.94 42.68
C ILE A 69 1.79 -11.60 43.09
N ILE A 70 2.42 -12.36 42.21
CA ILE A 70 3.74 -12.88 42.55
C ILE A 70 4.75 -11.72 42.70
N LEU A 71 4.56 -10.67 41.90
CA LEU A 71 5.45 -9.48 41.93
C LEU A 71 5.20 -8.71 43.20
N LEU A 72 3.93 -8.37 43.39
CA LEU A 72 3.50 -7.58 44.52
C LEU A 72 3.95 -8.19 45.86
N VAL A 73 3.79 -9.50 45.99
CA VAL A 73 4.16 -10.21 47.19
C VAL A 73 5.66 -10.27 47.29
N TRP A 74 6.32 -10.43 46.16
CA TRP A 74 7.76 -10.57 46.15
C TRP A 74 8.41 -9.27 46.44
N ILE A 76 7.15 -6.95 48.40
CA ILE A 76 6.76 -6.47 49.72
C ILE A 76 7.90 -5.89 50.55
N PRO A 77 9.01 -6.61 50.68
CA PRO A 77 10.10 -6.04 51.48
C PRO A 77 10.70 -4.76 50.86
N PHE A 78 10.82 -4.71 49.55
CA PHE A 78 11.29 -3.50 48.95
C PHE A 78 10.22 -2.44 49.07
N THR A 79 8.97 -2.85 48.91
CA THR A 79 7.87 -1.92 49.02
C THR A 79 7.87 -1.32 50.40
N ARG A 80 8.36 -2.07 51.38
CA ARG A 80 8.43 -1.58 52.77
C ARG A 80 9.53 -0.52 52.94
N VAL A 81 10.71 -0.83 52.38
CA VAL A 81 11.86 0.03 52.53
C VAL A 81 11.65 1.31 51.74
N ILE A 82 10.96 1.22 50.63
CA ILE A 82 10.79 2.37 49.79
C ILE A 82 9.71 3.30 50.35
N VAL A 83 8.63 2.75 50.86
CA VAL A 83 7.48 3.54 51.33
C VAL A 83 7.56 3.66 52.83
N GLY A 84 7.75 2.48 53.45
CA GLY A 84 7.85 2.23 54.89
C GLY A 84 6.78 1.39 55.54
N THR A 85 5.71 1.13 54.82
CA THR A 85 4.62 0.38 55.42
C THR A 85 4.50 -1.01 54.81
N SER A 86 4.32 -1.04 53.49
CA SER A 86 4.06 -2.29 52.79
C SER A 86 2.58 -2.61 52.82
N ILE A 87 1.80 -1.81 53.53
CA ILE A 87 0.36 -2.01 53.61
C ILE A 87 -0.34 -0.65 53.44
N GLY A 88 -1.43 -0.64 52.66
CA GLY A 88 -2.19 0.59 52.45
C GLY A 88 -2.01 1.25 51.12
N LEU A 89 -2.56 2.46 50.98
CA LEU A 89 -2.66 3.11 49.68
C LEU A 89 -1.28 3.51 49.11
N GLN A 90 -0.44 4.08 49.96
CA GLN A 90 0.86 4.59 49.52
C GLN A 90 1.76 3.41 49.13
N ALA A 91 1.63 2.31 49.85
CA ALA A 91 2.52 1.21 49.59
C ALA A 91 2.00 0.47 48.39
N ALA A 92 0.77 0.73 48.03
CA ALA A 92 0.14 -0.03 46.97
C ALA A 92 0.68 0.35 45.61
N ILE A 93 1.01 1.61 45.44
CA ILE A 93 1.28 2.10 44.10
C ILE A 93 2.65 1.62 43.60
N VAL A 94 3.58 1.37 44.49
CA VAL A 94 4.89 1.00 44.04
C VAL A 94 4.91 -0.36 43.35
N PRO A 95 4.21 -1.33 43.90
CA PRO A 95 4.07 -2.59 43.19
C PRO A 95 3.14 -2.46 41.99
N LEU A 96 2.17 -1.57 42.01
CA LEU A 96 1.36 -1.37 40.79
C LEU A 96 2.27 -0.77 39.63
N THR A 97 3.04 0.25 39.93
CA THR A 97 4.04 0.69 38.99
C THR A 97 5.06 -0.37 38.99
N VAL A 98 5.87 -0.37 37.99
CA VAL A 98 6.86 -1.45 37.90
C VAL A 98 6.21 -2.72 37.45
N GLY A 99 4.91 -2.81 37.66
CA GLY A 99 4.20 -3.87 37.00
C GLY A 99 3.55 -3.21 35.82
N ALA A 100 3.36 -1.90 35.99
CA ALA A 100 2.73 -1.03 34.96
C ALA A 100 3.64 -0.43 33.88
N ALA A 101 4.87 -0.09 34.30
CA ALA A 101 5.88 0.50 33.43
C ALA A 101 6.24 -0.36 32.22
N PRO A 102 6.76 -1.58 32.45
CA PRO A 102 7.02 -2.52 31.35
C PRO A 102 5.80 -2.85 30.50
N PHE A 103 4.62 -2.72 31.09
CA PHE A 103 3.37 -2.95 30.38
C PHE A 103 3.30 -1.89 29.30
N ILE A 104 3.38 -0.63 29.70
CA ILE A 104 3.24 0.44 28.74
C ILE A 104 4.54 0.72 27.97
N ALA A 105 5.65 0.44 28.57
CA ALA A 105 6.87 0.63 27.84
C ALA A 105 6.80 -0.10 26.52
N ARG A 106 6.17 -1.28 26.50
CA ARG A 106 6.10 -2.09 25.28
C ARG A 106 5.02 -1.57 24.38
N VAL A 108 4.19 1.58 24.20
CA VAL A 108 4.69 2.84 23.69
C VAL A 108 5.61 2.59 22.52
N GLU A 109 6.37 1.51 22.59
CA GLU A 109 7.24 1.14 21.48
C GLU A 109 6.36 0.79 20.26
N ASN A 110 5.39 -0.08 20.49
CA ASN A 110 4.54 -0.54 19.41
C ASN A 110 3.70 0.59 18.86
N ALA A 111 3.18 1.44 19.73
CA ALA A 111 2.33 2.53 19.25
C ALA A 111 3.14 3.54 18.43
N LEU A 112 4.43 3.63 18.73
CA LEU A 112 5.30 4.56 18.07
C LEU A 112 5.76 3.97 16.76
N LEU A 113 5.66 2.66 16.67
CA LEU A 113 6.05 1.99 15.42
C LEU A 113 5.00 2.15 14.32
N GLU A 114 3.79 2.56 14.70
CA GLU A 114 2.73 2.80 13.72
C GLU A 114 3.12 3.94 12.80
N ILE A 115 4.04 4.78 13.26
CA ILE A 115 4.52 5.91 12.47
C ILE A 115 5.32 5.35 11.30
N PRO A 116 5.11 5.89 10.05
CA PRO A 116 5.93 5.50 8.88
C PRO A 116 7.41 5.89 8.95
N THR A 117 8.29 5.06 8.43
CA THR A 117 9.71 5.34 8.60
C THR A 117 10.07 6.64 7.92
N GLY A 118 9.27 7.00 6.93
CA GLY A 118 9.55 8.16 6.09
C GLY A 118 9.61 9.47 6.84
N LEU A 119 8.84 9.56 7.94
CA LEU A 119 8.81 10.78 8.74
C LEU A 119 10.13 11.04 9.43
N ILE A 120 10.81 9.97 9.79
CA ILE A 120 12.06 10.13 10.51
C ILE A 120 13.14 10.59 9.53
N GLU A 121 13.07 10.15 8.27
CA GLU A 121 14.03 10.64 7.28
C GLU A 121 13.77 12.07 6.95
N ALA A 122 12.49 12.44 6.88
CA ALA A 122 12.10 13.82 6.63
C ALA A 122 12.47 14.69 7.79
N SER A 123 12.38 14.14 8.99
CA SER A 123 12.79 14.88 10.15
C SER A 123 14.28 15.18 10.07
N ARG A 124 15.08 14.18 9.70
CA ARG A 124 16.52 14.37 9.61
C ARG A 124 16.90 15.20 8.40
N ALA A 125 16.05 15.15 7.38
CA ALA A 125 16.30 15.88 6.15
C ALA A 125 16.18 17.36 6.36
N GLY A 127 16.85 18.72 8.95
CA GLY A 127 17.87 19.05 9.94
C GLY A 127 17.44 19.30 11.37
N ALA A 128 16.72 18.34 11.91
CA ALA A 128 16.33 18.40 13.31
C ALA A 128 17.18 17.45 14.16
N THR A 129 17.41 17.84 15.41
CA THR A 129 18.13 16.99 16.38
C THR A 129 17.18 15.93 16.90
N PRO A 130 17.74 14.78 17.29
CA PRO A 130 16.89 13.66 17.69
C PRO A 130 15.85 14.07 18.74
N GLN A 132 14.40 17.03 18.84
CA GLN A 132 13.37 17.77 18.12
C GLN A 132 12.44 16.81 17.35
N ILE A 133 12.99 15.65 16.99
CA ILE A 133 12.23 14.63 16.32
C ILE A 133 11.23 14.09 17.32
N VAL A 134 11.72 13.71 18.49
CA VAL A 134 10.86 13.10 19.48
C VAL A 134 9.85 14.08 20.05
N ARG A 135 10.24 15.34 20.13
CA ARG A 135 9.38 16.36 20.72
C ARG A 135 8.19 16.65 19.81
N LYS A 136 8.54 17.18 18.63
CA LYS A 136 7.51 17.61 17.69
C LYS A 136 7.30 16.78 16.37
N VAL A 137 7.84 15.56 16.30
CA VAL A 137 7.48 14.68 15.18
C VAL A 137 6.91 13.30 15.62
N LEU A 138 7.71 12.54 16.34
CA LEU A 138 7.31 11.23 16.81
C LEU A 138 6.15 11.28 17.77
N LEU A 139 6.27 12.08 18.82
CA LEU A 139 5.24 12.07 19.86
C LEU A 139 3.86 12.42 19.30
N PRO A 140 3.73 13.53 18.57
CA PRO A 140 2.41 13.99 18.16
C PRO A 140 1.75 13.06 17.15
N GLU A 141 2.57 12.37 16.36
CA GLU A 141 2.06 11.40 15.40
C GLU A 141 1.62 10.12 16.13
N ALA A 142 2.37 9.74 17.17
CA ALA A 142 2.06 8.55 17.96
C ALA A 142 0.98 8.83 18.99
N LEU A 143 0.69 10.11 19.22
CA LEU A 143 -0.26 10.53 20.26
C LEU A 143 -1.60 9.85 20.26
N PRO A 144 -2.27 9.80 19.11
CA PRO A 144 -3.53 9.03 19.04
C PRO A 144 -3.38 7.60 19.57
N GLY A 145 -2.24 6.94 19.30
CA GLY A 145 -1.94 5.62 19.84
C GLY A 145 -1.56 5.59 21.33
N LEU A 146 -0.77 6.59 21.74
CA LEU A 146 -0.34 6.74 23.11
C LEU A 146 -1.51 7.01 24.02
N VAL A 147 -2.53 7.70 23.51
CA VAL A 147 -3.74 7.96 24.30
C VAL A 147 -4.53 6.67 24.48
N ASN A 148 -4.60 5.87 23.43
CA ASN A 148 -5.21 4.57 23.58
C ASN A 148 -4.40 3.73 24.58
N ALA A 149 -3.08 3.84 24.55
CA ALA A 149 -2.20 3.07 25.45
C ALA A 149 -2.46 3.43 26.91
N ALA A 150 -2.90 4.66 27.11
CA ALA A 150 -3.31 5.11 28.42
C ALA A 150 -4.59 4.41 28.83
N THR A 151 -5.56 4.39 27.90
CA THR A 151 -6.85 3.77 28.14
C THR A 151 -6.72 2.31 28.45
N ILE A 152 -5.81 1.67 27.74
CA ILE A 152 -5.58 0.26 27.90
C ILE A 152 -4.93 -0.03 29.24
N THR A 153 -3.89 0.74 29.57
CA THR A 153 -3.12 0.47 30.80
C THR A 153 -3.84 0.94 32.06
N LEU A 154 -4.71 1.91 31.90
CA LEU A 154 -5.41 2.42 33.03
C LEU A 154 -6.47 1.41 33.52
N ILE A 155 -7.13 0.72 32.58
CA ILE A 155 -8.19 -0.20 32.99
C ILE A 155 -7.60 -1.48 33.54
N THR A 156 -6.42 -1.85 33.08
CA THR A 156 -5.74 -3.03 33.62
C THR A 156 -5.30 -2.79 35.08
N LEU A 157 -4.88 -1.55 35.34
CA LEU A 157 -4.49 -1.13 36.68
C LEU A 157 -5.72 -1.20 37.62
N VAL A 158 -6.90 -0.90 37.12
CA VAL A 158 -8.06 -1.06 37.95
C VAL A 158 -8.20 -2.49 38.34
N GLY A 159 -7.93 -3.36 37.40
CA GLY A 159 -7.97 -4.79 37.66
C GLY A 159 -6.92 -5.20 38.65
N TYR A 160 -5.75 -4.58 38.57
CA TYR A 160 -4.63 -4.88 39.47
C TYR A 160 -4.95 -4.43 40.89
N SER A 161 -5.69 -3.35 41.00
CA SER A 161 -6.08 -2.83 42.30
C SER A 161 -6.93 -3.81 43.03
N ALA A 162 -7.76 -4.48 42.24
CA ALA A 162 -8.61 -5.50 42.79
C ALA A 162 -7.81 -6.66 43.38
N GLY A 164 -4.85 -6.46 44.11
CA GLY A 164 -4.01 -5.83 45.11
C GLY A 164 -4.74 -5.61 46.40
N GLY A 165 -6.07 -5.64 46.33
CA GLY A 165 -6.90 -5.51 47.53
C GLY A 165 -6.88 -6.71 48.48
N ALA A 166 -6.49 -7.86 47.94
CA ALA A 166 -6.38 -9.10 48.72
C ALA A 166 -5.31 -9.02 49.80
N VAL A 167 -4.16 -8.46 49.45
CA VAL A 167 -3.08 -8.24 50.41
C VAL A 167 -3.27 -6.97 51.25
N GLY A 168 -4.41 -6.28 51.07
CA GLY A 168 -4.79 -5.11 51.90
C GLY A 168 -4.17 -3.79 51.61
N ALA A 169 -4.08 -3.55 50.35
CA ALA A 169 -3.68 -2.24 49.92
C ALA A 169 -4.74 -1.35 49.22
N GLY A 170 -6.02 -1.70 49.27
CA GLY A 170 -6.95 -1.04 48.35
C GLY A 170 -8.40 -0.95 48.71
N GLY A 171 -9.18 -0.11 48.00
CA GLY A 171 -10.60 -0.10 48.29
C GLY A 171 -11.57 -1.14 47.78
N LEU A 172 -11.98 -1.04 46.52
CA LEU A 172 -13.08 -1.89 46.06
C LEU A 172 -12.59 -3.30 45.95
N GLY A 173 -11.28 -3.40 45.92
CA GLY A 173 -10.63 -4.67 45.84
C GLY A 173 -10.84 -5.36 47.15
N GLN A 174 -10.60 -4.65 48.25
CA GLN A 174 -10.70 -5.26 49.59
C GLN A 174 -12.15 -5.57 50.01
N ILE A 175 -13.02 -4.62 49.74
CA ILE A 175 -14.43 -4.78 50.01
C ILE A 175 -15.00 -5.92 49.21
N GLY A 176 -14.46 -6.15 48.02
CA GLY A 176 -14.88 -7.28 47.25
C GLY A 176 -14.29 -8.56 47.78
N TYR A 177 -13.04 -8.48 48.24
CA TYR A 177 -12.34 -9.65 48.73
C TYR A 177 -12.89 -10.11 50.07
N GLN A 178 -13.05 -9.16 50.97
CA GLN A 178 -13.45 -9.48 52.33
C GLN A 178 -14.87 -10.05 52.43
N TYR A 179 -15.81 -9.44 51.70
CA TYR A 179 -17.20 -9.81 51.80
C TYR A 179 -17.64 -10.89 50.83
N GLY A 180 -16.80 -11.22 49.84
CA GLY A 180 -17.09 -12.39 49.02
C GLY A 180 -16.34 -13.70 49.20
N TYR A 181 -15.09 -13.60 49.67
CA TYR A 181 -14.25 -14.78 49.83
C TYR A 181 -14.54 -15.51 51.10
N ILE A 182 -14.56 -14.75 52.19
CA ILE A 182 -14.95 -15.32 53.47
C ILE A 182 -16.28 -14.74 53.89
N GLY A 183 -17.31 -15.58 53.98
CA GLY A 183 -18.63 -15.05 54.29
C GLY A 183 -19.29 -14.25 53.17
N TYR A 184 -19.56 -14.89 52.02
CA TYR A 184 -20.10 -14.21 50.82
C TYR A 184 -21.39 -13.41 51.12
N ASN A 185 -21.51 -12.26 50.49
CA ASN A 185 -22.66 -11.40 50.65
C ASN A 185 -23.22 -11.06 49.28
N ALA A 186 -24.39 -11.57 48.95
CA ALA A 186 -24.96 -11.37 47.61
C ALA A 186 -25.03 -9.89 47.22
N THR A 187 -25.67 -9.09 48.07
CA THR A 187 -25.66 -7.66 47.93
C THR A 187 -24.32 -7.13 48.40
N VAL A 188 -23.89 -6.04 47.77
CA VAL A 188 -22.55 -5.45 47.92
C VAL A 188 -21.43 -6.13 47.14
N ASN A 190 -22.37 -7.89 44.35
CA ASN A 190 -22.96 -7.50 43.09
C ASN A 190 -22.75 -6.01 42.86
N THR A 191 -22.86 -5.21 43.92
CA THR A 191 -22.63 -3.77 43.81
C THR A 191 -21.17 -3.42 43.47
N VAL A 192 -20.23 -4.00 44.22
CA VAL A 192 -18.81 -3.77 43.96
C VAL A 192 -18.39 -4.33 42.61
N LEU A 193 -19.00 -5.43 42.18
CA LEU A 193 -18.71 -6.00 40.87
C LEU A 193 -19.22 -5.08 39.76
N VAL A 194 -20.45 -4.61 39.88
CA VAL A 194 -21.02 -3.67 38.88
C VAL A 194 -20.44 -2.24 38.98
N LEU A 195 -20.12 -1.82 40.20
CA LEU A 195 -19.51 -0.52 40.40
C LEU A 195 -18.07 -0.46 39.82
N LEU A 196 -17.41 -1.60 39.74
CA LEU A 196 -16.12 -1.62 39.08
C LEU A 196 -16.30 -1.68 37.57
N VAL A 197 -17.31 -2.39 37.12
CA VAL A 197 -17.56 -2.53 35.68
C VAL A 197 -17.92 -1.19 35.10
N ILE A 198 -18.80 -0.46 35.78
CA ILE A 198 -19.20 0.88 35.31
C ILE A 198 -18.03 1.89 35.40
N LEU A 199 -17.10 1.63 36.31
CA LEU A 199 -15.89 2.44 36.41
C LEU A 199 -14.96 2.17 35.20
N VAL A 200 -14.96 0.96 34.69
CA VAL A 200 -14.13 0.63 33.55
C VAL A 200 -14.75 1.24 32.31
N TYR A 201 -16.06 1.18 32.21
CA TYR A 201 -16.75 1.75 31.05
C TYR A 201 -16.57 3.23 31.04
N LEU A 202 -16.55 3.83 32.21
CA LEU A 202 -16.32 5.27 32.27
C LEU A 202 -14.94 5.62 31.71
N ILE A 203 -13.90 4.90 32.13
CA ILE A 203 -12.55 5.25 31.68
C ILE A 203 -12.31 4.77 30.24
N GLN A 204 -13.11 3.81 29.79
CA GLN A 204 -13.03 3.32 28.41
C GLN A 204 -13.57 4.36 27.49
N PHE A 205 -14.77 4.82 27.81
CA PHE A 205 -15.48 5.84 27.07
C PHE A 205 -14.71 7.14 27.06
N ALA A 206 -14.19 7.54 28.21
CA ALA A 206 -13.44 8.77 28.30
C ALA A 206 -12.20 8.64 27.46
N GLY A 207 -11.73 7.41 27.29
CA GLY A 207 -10.56 7.18 26.47
C GLY A 207 -10.86 7.24 24.97
N ASP A 208 -12.09 6.88 24.63
CA ASP A 208 -12.49 6.90 23.23
C ASP A 208 -12.70 8.31 22.77
N ARG A 209 -13.46 9.07 23.54
CA ARG A 209 -13.77 10.45 23.16
C ARG A 209 -12.54 11.36 23.17
N ILE A 210 -11.55 11.04 24.00
CA ILE A 210 -10.30 11.80 24.02
C ILE A 210 -9.40 11.47 22.83
N VAL A 211 -9.50 10.24 22.33
CA VAL A 211 -8.80 9.84 21.10
C VAL A 211 -9.45 10.46 19.84
N ARG A 212 -10.78 10.63 19.87
CA ARG A 212 -11.52 11.30 18.80
C ARG A 212 -11.09 12.73 18.65
N ALA A 213 -10.73 13.37 19.76
CA ALA A 213 -10.33 14.77 19.76
C ALA A 213 -8.99 14.96 19.09
N VAL A 214 -8.11 14.00 19.29
CA VAL A 214 -6.82 14.04 18.64
C VAL A 214 -6.69 13.12 17.40
N THR A 215 -7.78 12.54 16.90
CA THR A 215 -7.69 11.58 15.78
C THR A 215 -7.33 12.27 14.42
N ARG A 216 -7.11 11.48 13.35
CA ARG A 216 -6.67 11.98 12.01
C ARG A 216 -7.68 12.98 11.42
N SER B 2 14.61 -26.86 51.41
CA SER B 2 14.58 -27.95 52.38
C SER B 2 14.32 -29.29 51.65
N GLU B 3 14.14 -30.34 52.45
CA GLU B 3 13.91 -31.65 51.85
C GLU B 3 12.51 -31.78 51.18
N PRO B 4 11.41 -31.63 51.93
CA PRO B 4 10.06 -31.82 51.37
C PRO B 4 9.55 -30.64 50.59
N TRP B 7 9.62 -30.92 46.84
CA TRP B 7 8.64 -31.86 46.30
C TRP B 7 7.22 -31.24 46.39
N LEU B 8 7.07 -30.21 47.22
CA LEU B 8 5.82 -29.48 47.24
C LEU B 8 5.69 -28.52 46.05
N LEU B 9 6.79 -27.89 45.69
CA LEU B 9 6.84 -27.01 44.53
C LEU B 9 6.60 -27.77 43.24
N VAL B 10 6.98 -29.05 43.23
CA VAL B 10 6.73 -29.89 42.08
C VAL B 10 5.24 -30.01 41.81
N ARG B 11 4.44 -30.19 42.85
CA ARG B 11 3.00 -30.19 42.66
C ARG B 11 2.49 -28.85 42.15
N GLY B 12 3.11 -27.77 42.63
CA GLY B 12 2.70 -26.44 42.25
C GLY B 12 2.95 -26.18 40.78
N VAL B 13 4.10 -26.59 40.30
CA VAL B 13 4.41 -26.37 38.90
C VAL B 13 3.36 -27.09 38.10
N TRP B 14 3.02 -28.30 38.56
CA TRP B 14 2.03 -29.10 37.87
C TRP B 14 0.68 -28.42 37.96
N GLU B 15 0.27 -28.13 39.18
CA GLU B 15 -1.06 -27.62 39.40
C GLU B 15 -1.29 -26.33 38.60
N THR B 16 -0.25 -25.50 38.52
CA THR B 16 -0.34 -24.22 37.81
C THR B 16 -0.47 -24.54 36.33
N LEU B 17 0.33 -25.50 35.86
CA LEU B 17 0.27 -25.88 34.46
C LEU B 17 -1.08 -26.48 34.13
N ALA B 18 -1.59 -27.28 35.05
CA ALA B 18 -2.81 -28.00 34.81
C ALA B 18 -3.98 -27.05 34.70
N THR B 20 -3.89 -23.84 33.76
CA THR B 20 -3.76 -22.96 32.59
C THR B 20 -4.11 -23.65 31.26
N PHE B 21 -3.49 -24.80 31.02
CA PHE B 21 -3.70 -25.55 29.80
C PHE B 21 -5.17 -25.97 29.67
N VAL B 22 -5.78 -26.45 30.75
CA VAL B 22 -7.19 -26.88 30.70
C VAL B 22 -8.11 -25.67 30.50
N SER B 23 -7.73 -24.53 31.07
CA SER B 23 -8.56 -23.33 30.96
C SER B 23 -8.53 -22.87 29.54
N GLY B 24 -7.38 -23.06 28.90
CA GLY B 24 -7.16 -22.68 27.52
C GLY B 24 -7.96 -23.50 26.53
N PHE B 25 -7.87 -24.81 26.71
CA PHE B 25 -8.63 -25.75 25.91
C PHE B 25 -10.14 -25.55 26.10
N PHE B 26 -10.61 -25.63 27.33
CA PHE B 26 -12.03 -25.38 27.60
C PHE B 26 -12.43 -23.95 27.26
N GLY B 27 -11.47 -23.04 27.36
CA GLY B 27 -11.73 -21.68 26.94
C GLY B 27 -11.91 -21.54 25.44
N PHE B 28 -10.96 -22.07 24.68
CA PHE B 28 -11.01 -22.04 23.21
C PHE B 28 -12.22 -22.79 22.66
N VAL B 29 -12.56 -23.90 23.31
CA VAL B 29 -13.69 -24.73 22.92
C VAL B 29 -15.00 -23.93 23.03
N ILE B 30 -15.17 -23.14 24.09
CA ILE B 30 -16.38 -22.33 24.25
C ILE B 30 -16.21 -20.92 23.73
N GLY B 31 -14.97 -20.53 23.48
CA GLY B 31 -14.73 -19.22 22.92
C GLY B 31 -14.55 -19.07 21.43
N LEU B 32 -13.94 -20.06 20.79
CA LEU B 32 -13.67 -19.98 19.37
C LEU B 32 -14.95 -20.04 18.55
N PRO B 33 -15.91 -20.86 18.99
CA PRO B 33 -17.24 -20.85 18.38
C PRO B 33 -17.91 -19.49 18.47
N VAL B 34 -17.90 -18.84 19.63
CA VAL B 34 -18.49 -17.52 19.70
C VAL B 34 -17.59 -16.48 19.05
N GLY B 35 -16.33 -16.85 18.83
CA GLY B 35 -15.37 -15.99 18.15
C GLY B 35 -15.60 -15.86 16.64
N VAL B 36 -15.83 -17.00 15.99
CA VAL B 36 -16.18 -17.00 14.57
C VAL B 36 -17.61 -16.48 14.34
N LEU B 37 -18.49 -16.68 15.33
CA LEU B 37 -19.84 -16.13 15.29
C LEU B 37 -19.79 -14.62 15.34
N LEU B 38 -18.90 -14.09 16.18
CA LEU B 38 -18.70 -12.64 16.31
C LEU B 38 -18.14 -12.01 15.02
N TYR B 39 -17.37 -12.79 14.27
CA TYR B 39 -16.80 -12.31 13.02
C TYR B 39 -17.83 -12.19 11.93
N VAL B 40 -18.60 -13.25 11.74
CA VAL B 40 -19.57 -13.31 10.67
C VAL B 40 -20.80 -12.43 10.93
N THR B 41 -21.07 -12.12 12.20
CA THR B 41 -22.28 -11.37 12.55
C THR B 41 -22.06 -9.85 12.48
N ARG B 42 -20.90 -9.44 11.98
CA ARG B 42 -20.67 -8.02 11.66
C ARG B 42 -21.49 -7.63 10.42
N PRO B 43 -22.14 -6.43 10.44
CA PRO B 43 -23.03 -6.04 9.32
C PRO B 43 -22.38 -6.17 7.93
N GLY B 44 -21.07 -5.94 7.82
CA GLY B 44 -20.39 -6.00 6.55
C GLY B 44 -20.08 -7.41 6.05
N GLN B 45 -20.09 -8.39 6.97
CA GLN B 45 -19.68 -9.76 6.68
C GLN B 45 -20.81 -10.60 6.10
N ILE B 46 -20.64 -11.93 6.11
CA ILE B 46 -21.53 -12.84 5.42
C ILE B 46 -22.94 -12.87 6.04
N ILE B 47 -23.06 -13.31 7.27
CA ILE B 47 -24.38 -13.45 7.91
C ILE B 47 -25.11 -12.11 8.13
N ALA B 48 -24.40 -10.98 8.05
CA ALA B 48 -25.01 -9.70 8.40
C ALA B 48 -25.55 -9.70 9.86
N ASN B 49 -26.87 -9.65 10.05
CA ASN B 49 -27.48 -9.73 11.40
C ASN B 49 -26.88 -8.74 12.37
N ALA B 50 -27.10 -7.46 12.12
CA ALA B 50 -26.53 -6.41 12.94
C ALA B 50 -27.25 -6.30 14.28
N LYS B 51 -28.38 -6.99 14.43
CA LYS B 51 -29.14 -6.97 15.67
C LYS B 51 -28.46 -7.70 16.83
N LEU B 52 -27.92 -8.88 16.50
CA LEU B 52 -27.26 -9.75 17.49
C LEU B 52 -25.88 -9.24 17.92
N TYR B 53 -25.16 -8.58 17.00
CA TYR B 53 -23.84 -8.02 17.31
C TYR B 53 -23.92 -6.82 18.25
N ARG B 54 -25.11 -6.26 18.40
CA ARG B 54 -25.36 -5.20 19.38
C ARG B 54 -25.49 -5.76 20.79
N THR B 55 -25.74 -7.07 20.87
CA THR B 55 -25.90 -7.78 22.14
C THR B 55 -24.73 -8.79 22.38
N VAL B 56 -24.53 -9.71 21.45
CA VAL B 56 -23.44 -10.70 21.55
C VAL B 56 -22.08 -10.07 21.83
N SER B 57 -21.84 -8.89 21.31
CA SER B 57 -20.61 -8.16 21.57
C SER B 57 -20.65 -7.54 22.97
N ALA B 58 -21.79 -6.95 23.33
CA ALA B 58 -21.91 -6.28 24.62
C ALA B 58 -21.81 -7.25 25.80
N ILE B 59 -22.33 -8.46 25.64
CA ILE B 59 -22.27 -9.45 26.72
C ILE B 59 -20.85 -9.97 26.90
N VAL B 60 -20.08 -10.04 25.82
CA VAL B 60 -18.67 -10.42 25.91
C VAL B 60 -17.85 -9.26 26.44
N ASN B 61 -18.25 -8.06 26.07
CA ASN B 61 -17.60 -6.84 26.55
C ASN B 61 -17.80 -6.64 28.08
N ILE B 62 -18.96 -7.03 28.58
CA ILE B 62 -19.24 -6.83 30.00
C ILE B 62 -18.50 -7.85 30.85
N PHE B 63 -18.32 -9.06 30.33
CA PHE B 63 -17.57 -10.09 31.04
C PHE B 63 -16.10 -9.73 31.07
N ARG B 64 -15.54 -9.43 29.91
CA ARG B 64 -14.10 -9.20 29.80
C ARG B 64 -13.68 -7.97 30.61
N SER B 65 -14.62 -7.04 30.82
CA SER B 65 -14.38 -5.82 31.57
C SER B 65 -14.24 -6.03 33.09
N ILE B 66 -14.77 -7.15 33.59
CA ILE B 66 -14.63 -7.51 35.01
C ILE B 66 -13.21 -7.98 35.34
N PRO B 67 -12.59 -7.36 36.36
CA PRO B 67 -11.28 -7.86 36.85
C PRO B 67 -11.35 -9.31 37.29
N PHE B 68 -10.29 -10.09 37.06
CA PHE B 68 -10.38 -11.52 37.30
C PHE B 68 -10.63 -11.96 38.75
N ILE B 69 -9.98 -11.27 39.69
CA ILE B 69 -10.13 -11.65 41.07
C ILE B 69 -11.50 -11.28 41.61
N ILE B 70 -12.09 -10.18 41.14
CA ILE B 70 -13.44 -9.88 41.56
C ILE B 70 -14.43 -10.83 40.92
N LEU B 71 -14.14 -11.31 39.71
CA LEU B 71 -14.95 -12.36 39.06
C LEU B 71 -14.88 -13.70 39.80
N LEU B 72 -13.65 -14.16 40.04
CA LEU B 72 -13.36 -15.39 40.79
C LEU B 72 -14.06 -15.44 42.16
N VAL B 73 -13.99 -14.36 42.90
CA VAL B 73 -14.61 -14.30 44.21
C VAL B 73 -16.15 -14.22 44.10
N TRP B 74 -16.66 -13.51 43.11
CA TRP B 74 -18.11 -13.43 42.90
C TRP B 74 -18.66 -14.71 42.36
N ILE B 76 -17.52 -17.61 43.25
CA ILE B 76 -17.44 -18.67 44.26
C ILE B 76 -18.82 -19.34 44.50
N PRO B 77 -19.83 -18.57 44.94
CA PRO B 77 -21.16 -19.17 45.13
C PRO B 77 -21.61 -20.05 43.95
N PHE B 78 -21.35 -19.59 42.74
CA PHE B 78 -21.76 -20.34 41.55
C PHE B 78 -20.86 -21.55 41.30
N THR B 79 -19.56 -21.41 41.56
CA THR B 79 -18.61 -22.50 41.38
C THR B 79 -18.85 -23.61 42.42
N ARG B 80 -19.41 -23.23 43.57
CA ARG B 80 -19.68 -24.19 44.67
C ARG B 80 -20.66 -25.26 44.22
N VAL B 81 -21.66 -24.82 43.47
CA VAL B 81 -22.73 -25.68 42.99
C VAL B 81 -22.37 -26.50 41.73
N ILE B 82 -21.50 -25.98 40.87
CA ILE B 82 -21.13 -26.69 39.66
C ILE B 82 -20.23 -27.90 39.93
N VAL B 83 -19.03 -27.66 40.44
CA VAL B 83 -18.08 -28.73 40.74
C VAL B 83 -18.37 -29.45 42.04
N GLY B 84 -19.00 -28.74 42.97
CA GLY B 84 -19.43 -29.31 44.25
C GLY B 84 -18.30 -29.50 45.25
N THR B 85 -17.36 -28.57 45.22
CA THR B 85 -16.19 -28.57 46.11
C THR B 85 -15.97 -27.16 46.74
N SER B 86 -15.85 -26.14 45.88
CA SER B 86 -15.53 -24.76 46.22
C SER B 86 -14.02 -24.39 46.26
N ILE B 87 -13.15 -25.41 46.18
CA ILE B 87 -11.70 -25.22 46.27
C ILE B 87 -10.94 -26.20 45.40
N GLY B 88 -9.65 -25.93 45.20
CA GLY B 88 -8.80 -26.84 44.46
C GLY B 88 -8.78 -26.59 42.96
N LEU B 89 -8.04 -27.42 42.23
CA LEU B 89 -7.86 -27.22 40.80
C LEU B 89 -9.13 -27.44 40.03
N GLN B 90 -9.76 -28.58 40.29
CA GLN B 90 -10.96 -28.94 39.56
C GLN B 90 -12.05 -27.86 39.67
N ALA B 91 -12.10 -27.16 40.80
CA ALA B 91 -13.06 -26.07 41.03
C ALA B 91 -12.60 -24.77 40.40
N ALA B 92 -11.29 -24.59 40.41
CA ALA B 92 -10.68 -23.34 40.00
C ALA B 92 -10.73 -23.12 38.50
N ILE B 93 -10.70 -24.20 37.74
CA ILE B 93 -10.57 -24.05 36.30
C ILE B 93 -11.84 -23.44 35.69
N VAL B 94 -12.96 -23.55 36.39
CA VAL B 94 -14.20 -22.98 35.88
C VAL B 94 -14.18 -21.44 35.84
N PRO B 95 -13.87 -20.80 36.97
CA PRO B 95 -13.67 -19.35 36.95
C PRO B 95 -12.61 -18.94 35.93
N LEU B 96 -11.55 -19.74 35.77
CA LEU B 96 -10.53 -19.42 34.80
C LEU B 96 -11.06 -19.44 33.38
N THR B 97 -11.90 -20.42 33.07
CA THR B 97 -12.43 -20.54 31.73
C THR B 97 -13.47 -19.46 31.47
N VAL B 98 -14.20 -19.05 32.49
CA VAL B 98 -15.18 -18.01 32.32
C VAL B 98 -14.59 -16.64 32.05
N GLY B 99 -13.48 -16.34 32.69
CA GLY B 99 -12.82 -15.07 32.52
C GLY B 99 -11.98 -14.98 31.27
N ALA B 100 -11.41 -16.11 30.86
CA ALA B 100 -10.52 -16.18 29.70
C ALA B 100 -11.20 -16.29 28.31
N ALA B 101 -12.46 -16.74 28.31
CA ALA B 101 -13.24 -16.90 27.07
C ALA B 101 -13.53 -15.57 26.36
N PRO B 102 -14.13 -14.60 27.07
CA PRO B 102 -14.26 -13.25 26.50
C PRO B 102 -12.95 -12.69 25.94
N PHE B 103 -11.82 -13.02 26.58
CA PHE B 103 -10.50 -12.51 26.17
C PHE B 103 -10.18 -13.05 24.78
N ILE B 104 -10.30 -14.36 24.60
CA ILE B 104 -10.03 -14.98 23.30
C ILE B 104 -11.16 -14.64 22.31
N ALA B 105 -12.34 -14.39 22.85
CA ALA B 105 -13.50 -14.13 22.01
C ALA B 105 -13.22 -12.98 21.07
N ARG B 106 -12.77 -11.87 21.66
CA ARG B 106 -12.50 -10.68 20.87
C ARG B 106 -11.19 -10.83 20.11
N VAL B 108 -9.83 -13.49 18.76
CA VAL B 108 -10.04 -14.34 17.60
C VAL B 108 -10.77 -13.55 16.54
N GLU B 109 -11.76 -12.79 16.98
CA GLU B 109 -12.53 -11.94 16.07
C GLU B 109 -11.61 -10.86 15.46
N ASN B 110 -10.69 -10.33 16.27
CA ASN B 110 -9.71 -9.34 15.81
C ASN B 110 -8.67 -9.93 14.88
N ALA B 111 -8.14 -11.09 15.25
CA ALA B 111 -7.13 -11.77 14.45
C ALA B 111 -7.71 -12.33 13.13
N LEU B 112 -9.00 -12.65 13.16
CA LEU B 112 -9.68 -13.14 11.97
C LEU B 112 -10.03 -11.97 11.01
N LEU B 113 -10.09 -10.75 11.54
CA LEU B 113 -10.32 -9.58 10.70
C LEU B 113 -9.05 -9.12 9.98
N GLU B 114 -7.90 -9.66 10.39
CA GLU B 114 -6.61 -9.35 9.74
C GLU B 114 -6.49 -9.98 8.36
N ILE B 115 -7.38 -10.93 8.04
CA ILE B 115 -7.48 -11.49 6.68
C ILE B 115 -8.08 -10.48 5.71
N PRO B 116 -7.57 -10.45 4.46
CA PRO B 116 -8.06 -9.46 3.48
C PRO B 116 -9.49 -9.72 3.01
N THR B 117 -10.33 -8.70 3.07
CA THR B 117 -11.66 -8.78 2.48
C THR B 117 -11.47 -8.76 0.99
N GLY B 118 -12.27 -9.59 0.30
CA GLY B 118 -12.07 -9.85 -1.12
C GLY B 118 -11.46 -11.22 -1.37
N LEU B 119 -10.79 -11.78 -0.37
CA LEU B 119 -10.47 -13.21 -0.38
C LEU B 119 -11.74 -13.98 -0.08
N ILE B 120 -12.65 -13.29 0.59
CA ILE B 120 -13.97 -13.83 0.83
C ILE B 120 -14.79 -13.89 -0.46
N GLU B 121 -14.65 -12.88 -1.32
CA GLU B 121 -15.36 -12.83 -2.61
C GLU B 121 -14.82 -13.89 -3.59
N ALA B 122 -13.50 -14.00 -3.70
CA ALA B 122 -12.87 -14.98 -4.60
C ALA B 122 -13.23 -16.39 -4.20
N SER B 123 -13.56 -16.53 -2.93
CA SER B 123 -14.04 -17.78 -2.41
C SER B 123 -15.46 -18.04 -2.96
N ARG B 124 -16.31 -17.02 -2.97
CA ARG B 124 -17.63 -17.15 -3.61
C ARG B 124 -17.56 -17.24 -5.14
N ALA B 125 -16.46 -16.78 -5.72
CA ALA B 125 -16.23 -16.87 -7.16
C ALA B 125 -15.97 -18.30 -7.61
N GLY B 127 -17.36 -20.76 -5.81
CA GLY B 127 -18.66 -21.36 -5.53
C GLY B 127 -18.83 -22.19 -4.28
N ALA B 128 -17.93 -22.06 -3.30
CA ALA B 128 -18.02 -22.84 -2.08
C ALA B 128 -19.09 -22.29 -1.13
N THR B 129 -19.59 -23.16 -0.26
CA THR B 129 -20.61 -22.81 0.74
C THR B 129 -19.94 -22.15 1.94
N PRO B 130 -20.68 -21.30 2.68
CA PRO B 130 -20.05 -20.50 3.77
C PRO B 130 -19.39 -21.35 4.88
N GLN B 132 -17.57 -24.14 3.97
CA GLN B 132 -16.33 -24.59 3.31
C GLN B 132 -15.25 -23.51 3.39
N ILE B 133 -15.69 -22.27 3.35
CA ILE B 133 -14.78 -21.13 3.41
C ILE B 133 -14.24 -20.96 4.82
N VAL B 134 -15.07 -21.23 5.82
CA VAL B 134 -14.66 -21.16 7.21
C VAL B 134 -13.74 -22.35 7.51
N ARG B 135 -13.82 -23.37 6.67
CA ARG B 135 -13.03 -24.58 6.85
C ARG B 135 -11.66 -24.48 6.18
N LYS B 136 -11.67 -24.28 4.87
CA LYS B 136 -10.41 -24.24 4.11
C LYS B 136 -9.86 -22.91 3.52
N VAL B 137 -10.43 -21.76 3.89
CA VAL B 137 -9.83 -20.45 3.54
C VAL B 137 -9.64 -19.48 4.74
N LEU B 138 -10.72 -19.17 5.46
CA LEU B 138 -10.66 -18.25 6.60
C LEU B 138 -9.79 -18.74 7.75
N LEU B 139 -10.03 -19.97 8.19
CA LEU B 139 -9.31 -20.52 9.33
C LEU B 139 -7.82 -20.73 9.08
N PRO B 140 -7.44 -21.48 8.03
CA PRO B 140 -6.02 -21.77 7.79
C PRO B 140 -5.22 -20.55 7.35
N GLU B 141 -5.91 -19.50 6.92
CA GLU B 141 -5.23 -18.25 6.59
C GLU B 141 -4.91 -17.47 7.88
N ALA B 142 -5.86 -17.46 8.81
CA ALA B 142 -5.69 -16.76 10.08
C ALA B 142 -5.00 -17.61 11.16
N LEU B 143 -4.61 -18.83 10.79
CA LEU B 143 -3.99 -19.79 11.73
C LEU B 143 -2.79 -19.25 12.47
N PRO B 144 -1.85 -18.59 11.75
CA PRO B 144 -0.72 -17.95 12.45
C PRO B 144 -1.17 -16.89 13.48
N GLY B 145 -2.35 -16.30 13.28
CA GLY B 145 -2.92 -15.37 14.26
C GLY B 145 -3.59 -16.04 15.44
N LEU B 146 -4.17 -17.20 15.19
CA LEU B 146 -4.79 -17.98 16.24
C LEU B 146 -3.75 -18.55 17.23
N VAL B 147 -2.69 -19.14 16.72
CA VAL B 147 -1.62 -19.68 17.56
C VAL B 147 -0.93 -18.57 18.32
N ASN B 148 -0.91 -17.38 17.75
CA ASN B 148 -0.41 -16.22 18.46
C ASN B 148 -1.39 -15.87 19.58
N ALA B 149 -2.68 -15.95 19.29
CA ALA B 149 -3.72 -15.69 20.30
C ALA B 149 -3.77 -16.80 21.35
N ALA B 150 -3.36 -17.98 20.95
CA ALA B 150 -3.29 -19.04 21.91
C ALA B 150 -2.17 -18.77 22.89
N THR B 151 -1.04 -18.27 22.38
CA THR B 151 0.13 -17.97 23.22
C THR B 151 -0.21 -16.89 24.26
N ILE B 152 -1.00 -15.91 23.88
CA ILE B 152 -1.33 -14.81 24.77
C ILE B 152 -2.25 -15.31 25.88
N THR B 153 -3.29 -16.06 25.54
CA THR B 153 -4.30 -16.48 26.53
C THR B 153 -3.85 -17.65 27.35
N LEU B 154 -2.73 -18.23 26.95
CA LEU B 154 -2.14 -19.26 27.77
C LEU B 154 -1.36 -18.61 28.91
N ILE B 155 -0.55 -17.61 28.59
CA ILE B 155 0.28 -17.00 29.61
C ILE B 155 -0.52 -16.10 30.55
N THR B 156 -1.65 -15.58 30.11
CA THR B 156 -2.46 -14.75 30.99
C THR B 156 -3.13 -15.59 32.07
N LEU B 157 -3.41 -16.84 31.73
CA LEU B 157 -3.99 -17.78 32.68
C LEU B 157 -2.95 -18.20 33.72
N VAL B 158 -1.68 -18.22 33.34
CA VAL B 158 -0.65 -18.48 34.32
C VAL B 158 -0.67 -17.41 35.38
N GLY B 159 -1.06 -16.21 35.01
CA GLY B 159 -1.16 -15.12 35.97
C GLY B 159 -2.46 -15.19 36.72
N TYR B 160 -3.49 -15.73 36.08
CA TYR B 160 -4.76 -15.88 36.73
C TYR B 160 -4.69 -16.97 37.75
N SER B 161 -3.95 -18.00 37.41
CA SER B 161 -3.74 -19.11 38.34
C SER B 161 -2.94 -18.70 39.56
N ALA B 162 -2.18 -17.64 39.41
CA ALA B 162 -1.46 -17.15 40.56
C ALA B 162 -2.48 -16.62 41.53
N GLY B 164 -5.42 -17.31 41.46
CA GLY B 164 -6.24 -18.45 41.82
C GLY B 164 -5.79 -19.01 43.16
N GLY B 165 -4.47 -19.00 43.38
CA GLY B 165 -3.88 -19.58 44.58
C GLY B 165 -4.16 -18.78 45.84
N ALA B 166 -4.33 -17.50 45.64
CA ALA B 166 -4.57 -16.61 46.73
C ALA B 166 -6.00 -16.81 47.24
N VAL B 167 -6.89 -17.24 46.35
CA VAL B 167 -8.20 -17.64 46.80
C VAL B 167 -8.53 -19.09 46.45
N GLY B 168 -8.26 -19.98 47.40
CA GLY B 168 -8.66 -21.37 47.36
C GLY B 168 -7.97 -22.36 46.44
N ALA B 169 -7.47 -21.93 45.28
CA ALA B 169 -6.92 -22.87 44.31
C ALA B 169 -5.55 -23.34 44.71
N GLY B 170 -5.04 -24.40 44.11
CA GLY B 170 -3.66 -24.79 44.35
C GLY B 170 -2.62 -24.07 43.51
N GLY B 171 -1.51 -24.74 43.22
CA GLY B 171 -0.53 -24.19 42.28
C GLY B 171 0.47 -23.26 42.91
N LEU B 172 1.34 -22.67 42.10
CA LEU B 172 2.40 -21.81 42.64
C LEU B 172 1.76 -20.55 43.20
N GLY B 173 0.52 -20.32 42.82
CA GLY B 173 -0.17 -19.14 43.29
C GLY B 173 -0.21 -19.15 44.78
N GLN B 174 -0.49 -20.32 45.33
CA GLN B 174 -0.61 -20.46 46.78
C GLN B 174 0.74 -20.47 47.48
N ILE B 175 1.69 -21.19 46.90
CA ILE B 175 2.98 -21.27 47.52
C ILE B 175 3.58 -19.89 47.67
N GLY B 176 3.38 -19.03 46.68
CA GLY B 176 3.87 -17.66 46.74
C GLY B 176 3.16 -16.78 47.78
N TYR B 177 1.86 -16.93 47.78
CA TYR B 177 1.03 -16.22 48.73
C TYR B 177 1.38 -16.70 50.15
N GLN B 178 1.71 -17.98 50.27
CA GLN B 178 1.84 -18.58 51.59
C GLN B 178 3.17 -18.24 52.23
N TYR B 179 4.23 -18.33 51.46
CA TYR B 179 5.56 -18.10 52.02
C TYR B 179 6.09 -16.69 51.75
N GLY B 180 5.38 -15.91 50.91
CA GLY B 180 5.74 -14.52 50.82
C GLY B 180 5.01 -13.44 51.59
N TYR B 181 3.68 -13.59 51.69
CA TYR B 181 2.84 -12.54 52.25
C TYR B 181 2.78 -12.53 53.79
N ILE B 182 2.52 -13.69 54.37
CA ILE B 182 2.38 -13.82 55.82
C ILE B 182 3.74 -13.69 56.48
N GLY B 183 4.75 -14.37 55.96
CA GLY B 183 6.08 -13.98 56.29
C GLY B 183 6.98 -14.32 55.15
N TYR B 184 8.03 -13.51 55.02
CA TYR B 184 8.81 -13.50 53.79
C TYR B 184 9.99 -14.45 53.85
N ASN B 185 9.80 -15.58 53.16
CA ASN B 185 10.84 -16.58 52.95
C ASN B 185 11.45 -16.41 51.58
N ALA B 186 12.66 -15.89 51.58
CA ALA B 186 13.22 -15.43 50.34
C ALA B 186 13.42 -16.60 49.40
N THR B 187 13.91 -17.70 49.92
CA THR B 187 14.27 -18.82 49.08
C THR B 187 13.04 -19.32 48.33
N VAL B 188 11.97 -19.56 49.07
CA VAL B 188 10.79 -20.13 48.46
C VAL B 188 10.16 -19.11 47.51
N ASN B 190 11.55 -16.61 45.84
CA ASN B 190 12.27 -16.35 44.62
C ASN B 190 12.11 -17.51 43.70
N THR B 191 11.96 -18.69 44.27
CA THR B 191 11.79 -19.87 43.44
C THR B 191 10.49 -19.91 42.69
N VAL B 192 9.42 -19.52 43.36
CA VAL B 192 8.11 -19.45 42.71
C VAL B 192 8.15 -18.43 41.55
N LEU B 193 8.94 -17.36 41.71
CA LEU B 193 9.03 -16.29 40.71
C LEU B 193 9.83 -16.80 39.55
N VAL B 194 10.97 -17.38 39.82
CA VAL B 194 11.77 -17.98 38.78
C VAL B 194 11.02 -19.08 38.03
N LEU B 195 10.39 -19.99 38.76
CA LEU B 195 9.62 -21.04 38.12
C LEU B 195 8.58 -20.45 37.15
N LEU B 196 7.85 -19.44 37.58
CA LEU B 196 6.83 -18.87 36.74
C LEU B 196 7.37 -18.12 35.53
N VAL B 197 8.48 -17.42 35.72
CA VAL B 197 9.10 -16.72 34.61
C VAL B 197 9.64 -17.76 33.67
N ILE B 198 10.29 -18.78 34.20
CA ILE B 198 10.79 -19.89 33.38
C ILE B 198 9.64 -20.58 32.65
N LEU B 199 8.51 -20.71 33.34
CA LEU B 199 7.31 -21.30 32.76
C LEU B 199 6.74 -20.46 31.61
N VAL B 200 6.74 -19.15 31.75
CA VAL B 200 6.17 -18.31 30.71
C VAL B 200 7.04 -18.32 29.43
N TYR B 201 8.37 -18.36 29.58
CA TYR B 201 9.29 -18.40 28.45
C TYR B 201 9.15 -19.68 27.68
N LEU B 202 8.89 -20.75 28.39
CA LEU B 202 8.60 -22.04 27.77
C LEU B 202 7.21 -22.06 27.10
N ILE B 203 6.27 -21.27 27.58
CA ILE B 203 5.00 -21.15 26.89
C ILE B 203 5.19 -20.22 25.70
N GLN B 204 5.97 -19.16 25.93
CA GLN B 204 6.26 -18.18 24.89
C GLN B 204 7.01 -18.81 23.73
N PHE B 205 8.15 -19.41 24.05
CA PHE B 205 9.00 -20.03 23.04
C PHE B 205 8.32 -21.17 22.29
N ALA B 206 7.46 -21.94 22.97
CA ALA B 206 6.70 -23.01 22.33
C ALA B 206 5.65 -22.43 21.40
N GLY B 207 5.00 -21.38 21.86
CA GLY B 207 4.04 -20.66 21.05
C GLY B 207 4.70 -19.95 19.88
N ASP B 208 5.94 -19.47 20.05
CA ASP B 208 6.67 -18.75 19.00
C ASP B 208 7.00 -19.64 17.82
N ARG B 209 7.48 -20.84 18.11
CA ARG B 209 7.87 -21.78 17.07
C ARG B 209 6.67 -22.42 16.35
N ILE B 210 5.56 -22.60 17.06
CA ILE B 210 4.34 -23.09 16.42
C ILE B 210 3.70 -22.02 15.52
N VAL B 211 3.93 -20.76 15.87
CA VAL B 211 3.53 -19.60 15.05
C VAL B 211 4.49 -19.38 13.89
N ARG B 212 5.78 -19.54 14.15
CA ARG B 212 6.81 -19.35 13.13
C ARG B 212 6.77 -20.49 12.10
N ALA B 213 6.57 -21.71 12.58
CA ALA B 213 6.59 -22.89 11.73
C ALA B 213 5.31 -23.08 10.92
N VAL B 214 4.23 -22.41 11.31
CA VAL B 214 2.97 -22.50 10.56
C VAL B 214 2.96 -21.53 9.37
N THR B 215 3.90 -20.58 9.35
CA THR B 215 3.99 -19.58 8.28
C THR B 215 4.55 -20.21 7.00
N HIS C 23 28.44 25.07 -11.22
CA HIS C 23 28.92 23.83 -10.63
C HIS C 23 28.51 23.73 -9.15
N ILE C 25 26.33 21.17 -6.80
CA ILE C 25 26.66 19.96 -6.03
C ILE C 25 27.62 19.06 -6.83
N LYS C 26 28.51 18.38 -6.10
CA LYS C 26 29.50 17.51 -6.72
C LYS C 26 29.82 16.30 -5.85
N LEU C 27 29.92 15.14 -6.49
CA LEU C 27 30.30 13.90 -5.80
C LEU C 27 31.63 13.35 -6.36
N SER C 28 32.53 12.93 -5.46
CA SER C 28 33.84 12.44 -5.87
C SER C 28 34.16 11.06 -5.27
N ASN C 29 34.24 10.04 -6.14
CA ASN C 29 34.58 8.66 -5.75
C ASN C 29 33.75 8.11 -4.59
N ILE C 30 32.43 8.23 -4.69
CA ILE C 30 31.55 7.80 -3.62
C ILE C 30 31.46 6.28 -3.59
N THR C 31 31.85 5.71 -2.47
CA THR C 31 31.75 4.27 -2.25
C THR C 31 31.12 4.04 -0.88
N LYS C 32 30.14 3.14 -0.82
CA LYS C 32 29.43 2.86 0.42
C LYS C 32 29.06 1.38 0.49
N VAL C 33 29.24 0.78 1.65
CA VAL C 33 28.85 -0.61 1.86
C VAL C 33 28.20 -0.79 3.22
N PHE C 34 27.04 -1.46 3.26
CA PHE C 34 26.39 -1.82 4.51
C PHE C 34 26.63 -3.29 4.82
N HIS C 35 26.94 -3.60 6.09
CA HIS C 35 27.25 -4.97 6.50
C HIS C 35 26.28 -5.49 7.56
N GLN C 36 25.60 -6.59 7.26
CA GLN C 36 24.64 -7.21 8.16
C GLN C 36 24.76 -8.73 8.14
N GLY C 37 24.90 -9.32 9.32
CA GLY C 37 25.06 -10.76 9.44
C GLY C 37 26.36 -11.28 8.85
N THR C 38 27.48 -10.71 9.30
CA THR C 38 28.82 -11.04 8.80
C THR C 38 28.86 -11.15 7.27
N ARG C 39 28.11 -10.26 6.61
CA ARG C 39 28.11 -10.17 5.15
C ARG C 39 28.08 -8.71 4.65
N THR C 40 29.08 -8.33 3.84
CA THR C 40 29.14 -6.97 3.30
C THR C 40 28.56 -6.92 1.86
N ILE C 41 27.84 -5.84 1.54
CA ILE C 41 27.27 -5.62 0.20
C ILE C 41 27.60 -4.23 -0.32
N GLN C 42 27.95 -4.13 -1.61
CA GLN C 42 28.35 -2.86 -2.21
C GLN C 42 27.17 -2.19 -2.87
N ALA C 43 26.69 -1.12 -2.24
CA ALA C 43 25.62 -0.30 -2.81
C ALA C 43 26.20 0.71 -3.79
N LEU C 44 27.29 1.33 -3.38
CA LEU C 44 28.03 2.26 -4.23
C LEU C 44 29.49 1.85 -4.30
N ASN C 45 30.02 1.82 -5.52
CA ASN C 45 31.42 1.50 -5.70
C ASN C 45 32.11 2.54 -6.63
N ASN C 46 32.93 3.41 -6.01
CA ASN C 46 33.67 4.41 -6.75
C ASN C 46 32.85 5.16 -7.82
N VAL C 47 31.98 6.05 -7.37
CA VAL C 47 31.12 6.80 -8.29
C VAL C 47 31.33 8.32 -8.15
N SER C 48 31.50 9.01 -9.27
CA SER C 48 31.66 10.47 -9.26
C SER C 48 30.58 11.12 -10.12
N LEU C 49 29.94 12.15 -9.58
CA LEU C 49 28.88 12.85 -10.30
C LEU C 49 28.98 14.37 -10.19
N HIS C 50 29.27 15.02 -11.33
CA HIS C 50 29.37 16.48 -11.42
C HIS C 50 28.03 17.04 -11.81
N VAL C 51 27.50 17.94 -11.00
CA VAL C 51 26.24 18.62 -11.32
C VAL C 51 26.41 20.11 -11.49
N PRO C 52 26.00 20.65 -12.66
CA PRO C 52 26.07 22.10 -12.88
C PRO C 52 24.99 22.85 -12.09
N ALA C 53 25.23 24.14 -11.83
CA ALA C 53 24.32 24.94 -11.02
C ALA C 53 23.04 25.30 -11.75
N GLY C 54 21.90 25.10 -11.12
CA GLY C 54 20.61 25.45 -11.71
C GLY C 54 20.21 24.57 -12.87
N GLN C 55 20.43 23.27 -12.73
CA GLN C 55 20.01 22.33 -13.76
C GLN C 55 19.32 21.13 -13.14
N ILE C 56 18.42 20.50 -13.89
CA ILE C 56 17.79 19.27 -13.43
C ILE C 56 18.61 18.05 -13.89
N TYR C 57 18.88 17.14 -12.95
CA TYR C 57 19.80 16.01 -13.18
C TYR C 57 19.16 14.69 -12.84
N GLY C 58 18.98 13.82 -13.81
CA GLY C 58 18.46 12.50 -13.51
C GLY C 58 19.49 11.41 -13.23
N VAL C 59 19.17 10.44 -12.36
CA VAL C 59 19.98 9.24 -12.23
C VAL C 59 19.09 7.99 -12.24
N ILE C 60 18.99 7.32 -13.37
CA ILE C 60 18.22 6.09 -13.49
C ILE C 60 19.05 4.88 -13.18
N GLY C 61 18.41 3.78 -12.81
CA GLY C 61 19.14 2.55 -12.58
C GLY C 61 18.22 1.38 -12.35
N ALA C 62 18.83 0.20 -12.17
CA ALA C 62 18.09 -1.03 -11.87
C ALA C 62 17.48 -0.97 -10.44
N SER C 63 16.44 -1.78 -10.17
CA SER C 63 15.75 -1.68 -8.90
C SER C 63 16.75 -1.95 -7.77
N GLY C 64 16.95 -0.93 -6.92
CA GLY C 64 17.95 -0.96 -5.86
C GLY C 64 19.35 -1.26 -6.35
N ALA C 65 19.78 -0.54 -7.36
CA ALA C 65 21.12 -0.72 -7.90
C ALA C 65 22.11 0.28 -7.31
N GLY C 66 21.66 1.02 -6.31
CA GLY C 66 22.46 2.06 -5.68
C GLY C 66 21.94 3.46 -5.91
N LYS C 67 20.98 3.57 -6.81
CA LYS C 67 20.33 4.85 -7.03
C LYS C 67 19.60 5.28 -5.75
N SER C 68 19.10 4.28 -5.01
CA SER C 68 18.33 4.53 -3.81
C SER C 68 19.24 5.27 -2.81
N THR C 69 20.46 4.75 -2.68
CA THR C 69 21.44 5.22 -1.69
C THR C 69 22.15 6.47 -2.19
N LEU C 70 22.40 6.54 -3.48
CA LEU C 70 23.27 7.55 -4.02
C LEU C 70 22.72 8.94 -3.79
N ILE C 71 21.42 9.07 -3.96
CA ILE C 71 20.80 10.37 -3.90
C ILE C 71 20.94 10.97 -2.52
N ARG C 72 20.88 10.11 -1.52
CA ARG C 72 20.84 10.57 -0.14
C ARG C 72 22.23 10.72 0.47
N CYS C 73 23.25 10.48 -0.34
CA CYS C 73 24.63 10.73 0.09
C CYS C 73 24.94 12.23 0.06
N VAL C 74 24.20 12.96 -0.77
CA VAL C 74 24.35 14.40 -0.86
C VAL C 74 23.90 15.08 0.42
N ASN C 75 22.81 14.59 0.99
CA ASN C 75 22.23 15.17 2.19
C ASN C 75 22.79 14.52 3.43
N LEU C 76 23.69 13.57 3.22
CA LEU C 76 24.31 12.82 4.31
C LEU C 76 23.35 12.04 5.20
N LEU C 77 22.24 11.58 4.64
CA LEU C 77 21.34 10.66 5.33
C LEU C 77 22.01 9.31 5.43
N GLU C 78 22.81 9.01 4.42
CA GLU C 78 23.66 7.84 4.47
C GLU C 78 25.10 8.33 4.40
N ARG C 79 25.88 8.03 5.44
CA ARG C 79 27.28 8.48 5.51
C ARG C 79 28.15 7.61 4.61
N PRO C 80 28.98 8.25 3.78
CA PRO C 80 29.81 7.50 2.82
C PRO C 80 30.98 6.79 3.47
N THR C 81 31.25 5.57 3.03
CA THR C 81 32.38 4.83 3.54
C THR C 81 33.66 5.47 3.01
N GLU C 82 33.68 5.72 1.70
CA GLU C 82 34.77 6.43 1.06
C GLU C 82 34.21 7.35 -0.01
N GLY C 83 34.63 8.61 0.02
CA GLY C 83 34.17 9.58 -0.97
C GLY C 83 34.26 11.01 -0.48
N SER C 84 34.01 11.96 -1.36
CA SER C 84 33.96 13.36 -0.98
C SER C 84 32.78 14.11 -1.61
N VAL C 85 31.87 14.60 -0.76
CA VAL C 85 30.68 15.29 -1.23
C VAL C 85 30.83 16.79 -1.08
N LEU C 86 30.75 17.53 -2.19
CA LEU C 86 30.88 18.99 -2.18
C LEU C 86 29.60 19.67 -2.63
N VAL C 87 28.93 20.32 -1.68
CA VAL C 87 27.67 21.01 -1.95
C VAL C 87 27.81 22.51 -1.73
N ASP C 88 27.63 23.29 -2.80
CA ASP C 88 27.81 24.72 -2.72
C ASP C 88 29.25 25.08 -2.37
N GLY C 89 30.18 24.22 -2.78
CA GLY C 89 31.59 24.42 -2.49
C GLY C 89 31.91 24.25 -1.02
N GLN C 90 31.41 23.16 -0.43
CA GLN C 90 31.68 22.85 0.97
C GLN C 90 31.73 21.35 1.22
N GLU C 91 32.74 20.88 1.96
CA GLU C 91 32.82 19.46 2.28
C GLU C 91 31.83 19.13 3.39
N LEU C 92 30.98 18.15 3.13
CA LEU C 92 29.97 17.70 4.09
C LEU C 92 30.43 16.65 5.15
N THR C 93 31.33 15.74 4.77
CA THR C 93 31.77 14.67 5.65
C THR C 93 32.51 15.22 6.89
N THR C 94 33.19 16.35 6.71
CA THR C 94 33.98 16.97 7.78
C THR C 94 33.13 17.84 8.72
N LEU C 95 31.84 18.01 8.41
CA LEU C 95 30.98 18.88 9.20
C LEU C 95 30.66 18.34 10.59
N SER C 96 30.78 17.02 10.73
CA SER C 96 30.37 16.32 11.95
C SER C 96 28.86 16.52 12.28
N GLU C 97 28.53 16.75 13.54
CA GLU C 97 27.12 16.77 13.99
C GLU C 97 26.52 18.16 13.94
N SER C 98 27.14 19.07 14.68
CA SER C 98 26.57 20.39 14.87
C SER C 98 26.49 21.21 13.59
N GLU C 99 27.49 21.04 12.71
CA GLU C 99 27.60 21.86 11.49
C GLU C 99 26.74 21.36 10.32
N LEU C 100 26.37 20.09 10.36
CA LEU C 100 25.57 19.50 9.29
C LEU C 100 24.12 19.97 9.40
N THR C 101 23.67 20.24 10.62
CA THR C 101 22.31 20.74 10.88
C THR C 101 22.05 22.03 10.13
N LYS C 102 23.08 22.86 10.04
CA LYS C 102 22.94 24.13 9.35
C LYS C 102 23.01 23.94 7.83
N ALA C 103 23.81 22.95 7.40
CA ALA C 103 24.06 22.71 5.98
C ALA C 103 22.85 22.09 5.28
N ARG C 104 22.03 21.37 6.03
CA ARG C 104 20.85 20.71 5.47
C ARG C 104 19.69 21.67 5.21
N ARG C 105 19.83 22.93 5.63
CA ARG C 105 18.84 23.95 5.29
C ARG C 105 18.84 24.27 3.80
N GLN C 106 20.01 24.18 3.20
CA GLN C 106 20.19 24.45 1.78
C GLN C 106 19.87 23.22 0.90
N ILE C 107 19.58 22.07 1.50
CA ILE C 107 19.14 20.92 0.72
C ILE C 107 17.73 20.46 1.18
N GLY C 108 16.71 20.70 0.36
CA GLY C 108 15.36 20.26 0.66
C GLY C 108 15.21 18.88 0.07
N ILE C 110 12.07 15.70 -1.04
CA ILE C 110 10.72 15.12 -1.12
C ILE C 110 10.82 13.69 -1.56
N PHE C 111 9.88 12.85 -1.14
CA PHE C 111 10.05 11.42 -1.31
C PHE C 111 8.97 10.77 -2.16
N GLN C 112 9.11 9.47 -2.41
CA GLN C 112 8.12 8.68 -3.17
C GLN C 112 6.76 8.73 -2.49
N HIS C 113 6.68 8.09 -1.34
CA HIS C 113 5.54 8.29 -0.47
C HIS C 113 5.76 9.67 0.11
N PHE C 114 4.70 10.40 0.36
CA PHE C 114 4.90 11.81 0.57
C PHE C 114 5.49 12.22 1.95
N ASN C 115 5.49 11.30 2.91
CA ASN C 115 6.21 11.49 4.18
C ASN C 115 5.94 12.80 4.82
N LEU C 116 4.75 12.97 5.36
CA LEU C 116 4.47 14.19 6.10
C LEU C 116 3.62 13.92 7.35
N LEU C 117 3.62 14.85 8.32
CA LEU C 117 2.91 14.66 9.59
C LEU C 117 1.41 14.88 9.45
N SER C 118 0.62 13.84 9.70
CA SER C 118 -0.82 13.91 9.48
C SER C 118 -1.50 14.67 10.59
N SER C 119 -0.74 14.90 11.65
CA SER C 119 -1.24 15.61 12.79
C SER C 119 -1.38 17.09 12.49
N ARG C 120 -0.40 17.63 11.77
CA ARG C 120 -0.40 19.06 11.46
C ARG C 120 -1.02 19.39 10.07
N THR C 121 -1.68 20.54 9.93
CA THR C 121 -2.20 20.94 8.63
C THR C 121 -1.10 21.34 7.61
N VAL C 122 -1.52 21.66 6.39
CA VAL C 122 -0.55 21.99 5.33
C VAL C 122 0.23 23.21 5.71
N PHE C 123 -0.40 24.12 6.42
CA PHE C 123 0.28 25.33 6.88
C PHE C 123 1.40 24.95 7.83
N GLY C 124 1.04 24.13 8.82
CA GLY C 124 1.99 23.72 9.82
C GLY C 124 3.03 22.80 9.24
N ASN C 125 2.65 22.03 8.22
CA ASN C 125 3.55 21.02 7.69
C ASN C 125 4.69 21.70 6.92
N VAL C 126 4.33 22.78 6.23
CA VAL C 126 5.31 23.57 5.49
C VAL C 126 6.08 24.43 6.45
N ALA C 127 5.49 24.74 7.59
CA ALA C 127 6.11 25.65 8.53
C ALA C 127 7.06 24.95 9.47
N LEU C 128 7.04 23.63 9.41
CA LEU C 128 7.78 22.85 10.39
C LEU C 128 9.29 23.06 10.29
N PRO C 129 9.84 23.04 9.07
CA PRO C 129 11.31 23.12 8.98
C PRO C 129 11.80 24.49 9.35
N LEU C 130 10.90 25.47 9.27
CA LEU C 130 11.22 26.84 9.62
C LEU C 130 11.24 27.03 11.15
N GLU C 131 10.47 26.20 11.86
CA GLU C 131 10.41 26.23 13.33
C GLU C 131 11.65 25.67 14.00
N LEU C 132 12.41 24.86 13.28
CA LEU C 132 13.72 24.39 13.76
C LEU C 132 14.73 25.54 13.87
N ASP C 133 14.53 26.58 13.06
CA ASP C 133 15.39 27.79 13.05
C ASP C 133 14.94 28.84 14.07
N ASN C 134 13.88 28.52 14.81
CA ASN C 134 13.26 29.48 15.72
C ASN C 134 12.88 30.75 14.96
N THR C 135 12.22 30.59 13.83
CA THR C 135 11.72 31.74 13.09
C THR C 135 10.59 32.44 13.83
N PRO C 136 10.72 33.76 14.02
CA PRO C 136 9.77 34.47 14.89
C PRO C 136 8.35 34.69 14.33
N LYS C 137 7.35 34.39 15.16
CA LYS C 137 6.03 34.98 15.00
C LYS C 137 5.50 34.80 13.58
N ASP C 138 5.33 35.93 12.90
CA ASP C 138 4.68 35.98 11.60
C ASP C 138 5.64 35.87 10.41
N GLU C 139 6.93 35.69 10.68
CA GLU C 139 7.88 35.50 9.59
C GLU C 139 7.57 34.17 8.91
N VAL C 140 7.05 33.24 9.71
CA VAL C 140 6.60 31.96 9.18
C VAL C 140 5.28 32.09 8.44
N LYS C 141 4.37 32.92 8.95
CA LYS C 141 3.11 33.21 8.25
C LYS C 141 3.33 33.84 6.87
N ARG C 142 4.29 34.76 6.80
CA ARG C 142 4.60 35.45 5.54
C ARG C 142 5.17 34.45 4.53
N ARG C 143 6.09 33.60 5.00
CA ARG C 143 6.81 32.65 4.14
C ARG C 143 5.97 31.43 3.74
N VAL C 144 5.19 30.92 4.67
CA VAL C 144 4.36 29.76 4.39
C VAL C 144 3.26 30.10 3.39
N THR C 145 2.50 31.14 3.66
CA THR C 145 1.36 31.49 2.80
C THR C 145 1.78 31.68 1.33
N GLU C 146 2.95 32.28 1.10
CA GLU C 146 3.44 32.56 -0.26
C GLU C 146 4.06 31.32 -0.90
N LEU C 147 4.72 30.48 -0.09
CA LEU C 147 5.30 29.24 -0.59
C LEU C 147 4.18 28.28 -0.94
N LEU C 148 3.07 28.42 -0.23
CA LEU C 148 1.89 27.59 -0.48
C LEU C 148 1.16 28.07 -1.70
N SER C 149 1.27 29.36 -1.95
CA SER C 149 0.71 29.94 -3.16
C SER C 149 1.49 29.52 -4.39
N LEU C 150 2.78 29.26 -4.21
CA LEU C 150 3.66 28.87 -5.30
C LEU C 150 3.27 27.51 -5.85
N VAL C 151 3.07 26.53 -4.97
CA VAL C 151 2.71 25.13 -5.37
C VAL C 151 1.28 24.95 -5.86
N GLY C 152 0.46 25.94 -5.55
CA GLY C 152 -0.94 25.88 -5.88
C GLY C 152 -1.89 25.71 -4.72
N LEU C 153 -1.39 25.51 -3.49
CA LEU C 153 -2.32 25.34 -2.38
C LEU C 153 -2.52 26.65 -1.62
N GLY C 154 -3.55 27.39 -2.03
CA GLY C 154 -4.02 28.55 -1.31
C GLY C 154 -5.25 27.90 -0.76
N ASP C 155 -6.29 28.66 -0.47
CA ASP C 155 -7.53 27.97 -0.15
C ASP C 155 -7.26 27.07 1.08
N LYS C 156 -6.79 25.87 0.77
CA LYS C 156 -6.60 24.76 1.72
C LYS C 156 -5.48 24.87 2.80
N HIS C 157 -5.14 26.08 3.21
CA HIS C 157 -4.24 26.30 4.37
C HIS C 157 -4.60 25.50 5.66
N ASP C 158 -5.91 25.34 5.92
CA ASP C 158 -6.40 24.65 7.12
C ASP C 158 -6.82 23.17 6.92
N SER C 159 -6.67 22.65 5.71
CA SER C 159 -7.00 21.25 5.44
C SER C 159 -5.87 20.32 5.87
N TYR C 160 -6.20 19.23 6.56
CA TYR C 160 -5.20 18.25 7.01
C TYR C 160 -4.82 17.32 5.89
N PRO C 161 -3.63 16.72 5.97
CA PRO C 161 -3.14 15.75 4.97
C PRO C 161 -4.06 14.57 4.77
N SER C 162 -4.88 14.29 5.75
CA SER C 162 -5.77 13.14 5.70
C SER C 162 -6.67 13.16 4.47
N ASN C 163 -7.28 14.32 4.19
CA ASN C 163 -8.17 14.52 3.03
C ASN C 163 -7.51 15.12 1.73
N LEU C 164 -6.18 15.19 1.71
CA LEU C 164 -5.45 15.61 0.52
C LEU C 164 -5.16 14.48 -0.45
N SER C 165 -5.18 14.80 -1.75
CA SER C 165 -4.85 13.82 -2.77
C SER C 165 -3.34 13.70 -3.01
N GLY C 166 -2.93 12.71 -3.80
CA GLY C 166 -1.52 12.43 -3.92
C GLY C 166 -0.75 13.67 -4.31
N GLY C 167 -1.30 14.39 -5.26
CA GLY C 167 -0.65 15.59 -5.71
C GLY C 167 -0.69 16.63 -4.61
N GLN C 168 -1.84 16.74 -3.98
CA GLN C 168 -1.99 17.78 -3.00
C GLN C 168 -0.97 17.59 -1.86
N LYS C 169 -0.70 16.33 -1.52
CA LYS C 169 0.23 15.99 -0.45
C LYS C 169 1.60 16.41 -0.93
N GLN C 170 1.93 16.01 -2.16
CA GLN C 170 3.26 16.24 -2.70
C GLN C 170 3.53 17.71 -2.84
N ARG C 171 2.46 18.47 -3.09
CA ARG C 171 2.61 19.92 -3.23
C ARG C 171 3.00 20.52 -1.89
N VAL C 172 2.42 19.98 -0.84
CA VAL C 172 2.82 20.40 0.47
C VAL C 172 4.28 20.05 0.67
N ALA C 173 4.70 18.89 0.17
CA ALA C 173 6.07 18.44 0.37
C ALA C 173 7.06 19.35 -0.34
N ILE C 174 6.69 19.80 -1.55
CA ILE C 174 7.53 20.71 -2.30
C ILE C 174 7.59 22.01 -1.51
N ALA C 175 6.44 22.42 -0.98
CA ALA C 175 6.37 23.67 -0.25
C ALA C 175 7.21 23.59 1.00
N ARG C 176 7.27 22.40 1.57
CA ARG C 176 8.02 22.16 2.80
C ARG C 176 9.51 22.19 2.54
N ALA C 177 9.96 21.52 1.49
CA ALA C 177 11.38 21.47 1.22
C ALA C 177 11.94 22.84 0.88
N LEU C 178 11.09 23.71 0.32
CA LEU C 178 11.44 25.09 -0.07
C LEU C 178 11.18 26.12 1.04
N ALA C 179 10.94 25.63 2.24
CA ALA C 179 10.74 26.48 3.39
C ALA C 179 12.02 27.17 3.84
N SER C 180 13.16 26.62 3.44
CA SER C 180 14.44 27.28 3.73
C SER C 180 15.01 28.07 2.58
N ASN C 181 14.31 28.10 1.47
CA ASN C 181 14.84 28.68 0.23
C ASN C 181 16.19 28.10 -0.10
N PRO C 182 16.24 26.79 -0.31
CA PRO C 182 17.50 26.10 -0.52
C PRO C 182 18.07 26.30 -1.90
N LYS C 183 19.29 25.86 -2.09
CA LYS C 183 19.95 25.87 -3.40
C LYS C 183 19.68 24.59 -4.20
N VAL C 184 19.73 23.45 -3.51
CA VAL C 184 19.58 22.13 -4.12
C VAL C 184 18.30 21.51 -3.63
N LEU C 185 17.71 20.64 -4.45
CA LEU C 185 16.51 19.88 -4.11
C LEU C 185 16.68 18.42 -4.52
N LEU C 186 16.09 17.52 -3.76
CA LEU C 186 16.25 16.10 -3.99
C LEU C 186 14.90 15.37 -4.09
N CYS C 187 14.61 14.84 -5.28
CA CYS C 187 13.35 14.14 -5.46
C CYS C 187 13.59 12.65 -5.60
N ASP C 188 13.10 11.89 -4.62
CA ASP C 188 13.22 10.45 -4.65
C ASP C 188 11.94 9.87 -5.18
N GLN C 189 11.96 9.57 -6.48
CA GLN C 189 10.84 8.99 -7.20
C GLN C 189 9.50 9.71 -6.95
N ALA C 190 9.48 11.04 -7.06
CA ALA C 190 8.27 11.78 -6.72
C ALA C 190 7.06 11.39 -7.60
N THR C 191 7.32 11.00 -8.82
CA THR C 191 6.26 10.63 -9.76
C THR C 191 5.62 9.29 -9.46
N SER C 192 6.34 8.45 -8.73
CA SER C 192 5.96 7.04 -8.57
C SER C 192 4.51 6.79 -8.20
N ALA C 193 4.09 7.31 -7.04
CA ALA C 193 2.74 7.05 -6.51
C ALA C 193 1.64 7.83 -7.19
N LEU C 194 2.03 8.84 -7.98
CA LEU C 194 1.07 9.71 -8.65
C LEU C 194 0.54 9.11 -9.96
N ASP C 195 -0.73 9.39 -10.23
CA ASP C 195 -1.40 8.92 -11.45
C ASP C 195 -0.85 9.65 -12.70
N PRO C 196 -0.98 9.03 -13.88
CA PRO C 196 -0.47 9.62 -15.12
C PRO C 196 -0.92 11.06 -15.35
N ALA C 197 -2.08 11.45 -14.84
CA ALA C 197 -2.56 12.80 -15.04
C ALA C 197 -1.84 13.82 -14.15
N THR C 198 -1.69 13.46 -12.89
CA THR C 198 -1.10 14.36 -11.91
C THR C 198 0.44 14.28 -11.91
N THR C 199 1.00 13.26 -12.56
CA THR C 199 2.45 13.19 -12.72
C THR C 199 2.89 14.31 -13.66
N ARG C 200 1.94 14.78 -14.47
CA ARG C 200 2.20 15.87 -15.40
C ARG C 200 2.39 17.12 -14.57
N SER C 201 1.47 17.36 -13.66
CA SER C 201 1.42 18.64 -13.04
C SER C 201 2.65 18.79 -12.17
N ILE C 202 2.97 17.74 -11.43
CA ILE C 202 3.98 17.90 -10.40
C ILE C 202 5.33 18.08 -11.05
N LEU C 203 5.54 17.39 -12.17
CA LEU C 203 6.82 17.53 -12.83
C LEU C 203 6.94 18.91 -13.43
N GLU C 204 5.81 19.45 -13.85
CA GLU C 204 5.82 20.76 -14.49
C GLU C 204 6.06 21.81 -13.44
N LEU C 205 5.54 21.58 -12.25
CA LEU C 205 5.71 22.51 -11.13
C LEU C 205 7.18 22.58 -10.71
N LEU C 206 7.83 21.43 -10.68
CA LEU C 206 9.24 21.40 -10.36
C LEU C 206 10.02 22.19 -11.39
N LYS C 207 9.62 22.07 -12.66
CA LYS C 207 10.32 22.78 -13.73
C LYS C 207 10.06 24.28 -13.64
N ASP C 208 8.83 24.66 -13.32
CA ASP C 208 8.47 26.09 -13.21
C ASP C 208 9.29 26.78 -12.12
N ILE C 209 9.63 26.00 -11.09
CA ILE C 209 10.49 26.49 -10.02
C ILE C 209 11.93 26.55 -10.53
N ASN C 210 12.33 25.55 -11.30
CA ASN C 210 13.68 25.51 -11.87
C ASN C 210 13.96 26.71 -12.77
N ARG C 211 12.93 27.17 -13.47
CA ARG C 211 13.04 28.36 -14.32
C ARG C 211 12.98 29.64 -13.47
N ARG C 212 12.13 29.69 -12.45
CA ARG C 212 12.00 30.90 -11.63
C ARG C 212 13.15 31.05 -10.66
N LEU C 213 13.19 30.19 -9.65
CA LEU C 213 14.19 30.32 -8.61
C LEU C 213 15.60 29.94 -9.07
N GLY C 214 15.72 29.18 -10.14
CA GLY C 214 17.02 28.70 -10.57
C GLY C 214 17.58 27.61 -9.67
N LEU C 215 16.71 26.68 -9.30
CA LEU C 215 17.03 25.68 -8.31
C LEU C 215 17.79 24.53 -8.95
N THR C 216 18.83 24.06 -8.27
CA THR C 216 19.48 22.84 -8.70
C THR C 216 18.68 21.63 -8.24
N ILE C 217 18.58 20.58 -9.06
CA ILE C 217 17.74 19.43 -8.72
C ILE C 217 18.37 18.10 -9.08
N LEU C 218 18.40 17.17 -8.14
CA LEU C 218 18.86 15.79 -8.40
C LEU C 218 17.69 14.83 -8.37
N LEU C 219 17.68 13.88 -9.30
CA LEU C 219 16.55 12.98 -9.44
C LEU C 219 17.00 11.55 -9.48
N ILE C 220 16.13 10.68 -9.02
CA ILE C 220 16.23 9.26 -9.29
C ILE C 220 14.84 8.78 -9.64
N THR C 221 14.68 8.13 -10.79
CA THR C 221 13.36 7.67 -11.20
C THR C 221 13.43 6.28 -11.80
N HIS C 222 12.43 5.49 -11.45
CA HIS C 222 12.29 4.12 -11.94
C HIS C 222 11.68 4.16 -13.36
N GLU C 223 10.84 5.17 -13.65
CA GLU C 223 10.25 5.40 -14.98
C GLU C 223 11.08 6.29 -15.91
N ASP C 225 9.81 8.15 -18.59
CA ASP C 225 9.10 9.33 -19.07
C ASP C 225 9.42 10.57 -18.25
N VAL C 226 9.90 10.34 -17.03
CA VAL C 226 10.27 11.44 -16.18
C VAL C 226 11.58 12.03 -16.67
N VAL C 227 12.46 11.16 -17.13
CA VAL C 227 13.74 11.62 -17.57
C VAL C 227 13.61 12.53 -18.79
N LYS C 228 12.67 12.21 -19.68
CA LYS C 228 12.53 12.92 -20.96
C LYS C 228 12.14 14.36 -20.75
N ARG C 229 11.17 14.59 -19.87
CA ARG C 229 10.44 15.87 -19.80
C ARG C 229 11.13 17.02 -19.04
N ILE C 230 11.97 16.69 -18.05
CA ILE C 230 12.49 17.72 -17.16
C ILE C 230 14.00 17.86 -17.22
N CYS C 231 14.70 16.76 -16.93
CA CYS C 231 16.14 16.82 -16.75
C CYS C 231 17.01 17.05 -18.03
N ASP C 232 18.14 17.72 -17.80
CA ASP C 232 19.09 18.06 -18.83
C ASP C 232 20.03 16.90 -19.05
N CYS C 233 20.78 16.58 -17.99
CA CYS C 233 21.75 15.47 -18.00
C CYS C 233 21.20 14.26 -17.22
N VAL C 234 21.30 13.07 -17.80
CA VAL C 234 20.84 11.86 -17.13
C VAL C 234 21.97 10.86 -16.99
N ALA C 235 22.07 10.26 -15.81
CA ALA C 235 23.11 9.27 -15.57
C ALA C 235 22.50 7.86 -15.45
N VAL C 236 23.24 6.86 -15.87
CA VAL C 236 22.82 5.47 -15.71
C VAL C 236 23.71 4.71 -14.75
N ILE C 237 23.13 4.27 -13.62
CA ILE C 237 23.91 3.61 -12.58
C ILE C 237 23.34 2.24 -12.29
N SER C 238 24.16 1.20 -12.53
CA SER C 238 23.75 -0.17 -12.22
C SER C 238 24.94 -0.96 -11.61
N ASN C 239 24.63 -1.91 -10.73
CA ASN C 239 25.63 -2.68 -9.99
C ASN C 239 26.58 -1.80 -9.19
N GLY C 240 26.05 -0.71 -8.66
CA GLY C 240 26.79 0.18 -7.79
C GLY C 240 27.87 1.04 -8.44
N GLU C 241 27.77 1.26 -9.73
CA GLU C 241 28.78 2.06 -10.40
C GLU C 241 28.15 2.87 -11.54
N LEU C 242 28.68 4.07 -11.76
CA LEU C 242 28.12 4.96 -12.77
C LEU C 242 28.57 4.51 -14.15
N ILE C 243 27.61 4.07 -14.98
CA ILE C 243 27.91 3.58 -16.32
C ILE C 243 28.01 4.68 -17.41
N GLU C 244 27.05 5.62 -17.42
CA GLU C 244 26.98 6.68 -18.43
C GLU C 244 26.71 8.03 -17.81
N GLN C 245 27.31 9.06 -18.35
CA GLN C 245 26.95 10.38 -17.94
C GLN C 245 26.96 11.37 -19.11
N ASP C 246 25.80 11.85 -19.54
CA ASP C 246 25.69 12.77 -20.70
C ASP C 246 24.37 13.51 -20.70
N THR C 247 24.17 14.38 -21.68
CA THR C 247 22.89 15.06 -21.84
C THR C 247 21.85 14.06 -22.33
N VAL C 248 20.59 14.32 -22.00
CA VAL C 248 19.49 13.44 -22.39
C VAL C 248 19.48 13.22 -23.89
N SER C 249 19.85 14.27 -24.63
CA SER C 249 19.91 14.23 -26.09
C SER C 249 20.83 13.10 -26.54
N GLU C 250 22.05 13.07 -26.00
CA GLU C 250 23.02 12.07 -26.39
C GLU C 250 22.67 10.65 -25.91
N VAL C 251 22.00 10.55 -24.77
CA VAL C 251 21.67 9.24 -24.19
C VAL C 251 20.61 8.44 -24.97
N PHE C 252 19.52 9.11 -25.33
CA PHE C 252 18.46 8.48 -26.10
C PHE C 252 18.80 8.33 -27.59
N SER C 253 19.68 9.21 -28.07
CA SER C 253 20.16 9.13 -29.45
C SER C 253 21.15 7.96 -29.61
N HIS C 254 22.31 8.09 -28.99
CA HIS C 254 23.33 7.04 -29.05
C HIS C 254 23.38 6.33 -27.69
N PRO C 255 22.90 5.08 -27.65
CA PRO C 255 22.70 4.38 -26.37
C PRO C 255 23.98 4.00 -25.61
N LYS C 256 25.16 4.04 -26.23
CA LYS C 256 26.39 3.70 -25.51
C LYS C 256 26.38 2.25 -24.97
N THR C 257 26.21 2.11 -23.65
CA THR C 257 26.20 0.80 -22.97
C THR C 257 25.05 -0.15 -23.39
N PRO C 258 25.29 -1.48 -23.36
CA PRO C 258 24.23 -2.44 -23.66
C PRO C 258 23.09 -2.41 -22.65
N LEU C 259 23.38 -1.96 -21.43
CA LEU C 259 22.36 -1.90 -20.40
C LEU C 259 21.39 -0.78 -20.69
N ALA C 260 21.90 0.41 -20.95
CA ALA C 260 21.05 1.56 -21.21
C ALA C 260 20.22 1.32 -22.46
N GLN C 261 20.81 0.63 -23.42
CA GLN C 261 20.13 0.34 -24.68
C GLN C 261 18.97 -0.62 -24.46
N LYS C 262 19.10 -1.47 -23.45
CA LYS C 262 18.03 -2.38 -23.10
C LYS C 262 16.85 -1.61 -22.48
N PHE C 263 17.14 -0.66 -21.58
CA PHE C 263 16.12 0.08 -20.81
C PHE C 263 15.60 1.30 -21.56
N ILE C 264 16.00 1.43 -22.81
CA ILE C 264 15.63 2.57 -23.63
C ILE C 264 14.91 2.12 -24.90
N GLN C 265 15.53 1.22 -25.66
CA GLN C 265 14.96 0.70 -26.92
C GLN C 265 13.84 -0.33 -26.70
N SER C 266 14.07 -1.29 -25.82
CA SER C 266 13.09 -2.33 -25.56
C SER C 266 11.88 -1.78 -24.78
N THR C 267 12.06 -0.60 -24.20
CA THR C 267 11.00 0.05 -23.42
C THR C 267 10.16 1.01 -24.28
N LEU C 268 10.39 1.03 -25.59
CA LEU C 268 9.55 1.84 -26.44
C LEU C 268 8.93 1.08 -27.61
N HIS C 269 7.65 0.76 -27.42
CA HIS C 269 6.69 0.37 -28.46
C HIS C 269 6.98 -0.83 -29.37
N LEU C 270 7.01 -0.58 -30.68
CA LEU C 270 6.85 -1.65 -31.70
C LEU C 270 5.49 -2.34 -31.58
N ASP C 271 4.46 -1.64 -32.03
CA ASP C 271 3.10 -2.15 -31.91
C ASP C 271 2.83 -3.31 -32.87
N ILE C 272 2.89 -3.03 -34.17
CA ILE C 272 2.58 -4.00 -35.21
C ILE C 272 1.17 -4.56 -35.11
N PRO C 273 0.17 -3.75 -35.46
CA PRO C 273 -1.26 -4.10 -35.42
C PRO C 273 -1.61 -5.40 -36.12
N GLU C 274 -2.67 -6.02 -35.62
CA GLU C 274 -3.05 -7.36 -36.02
C GLU C 274 -3.79 -7.37 -37.34
N ASP C 275 -4.53 -6.31 -37.62
CA ASP C 275 -5.30 -6.28 -38.85
C ASP C 275 -4.37 -6.32 -40.08
N TYR C 276 -3.18 -5.71 -39.94
CA TYR C 276 -2.15 -5.77 -40.98
C TYR C 276 -1.33 -7.07 -40.91
N GLN C 277 -1.15 -7.59 -39.70
CA GLN C 277 -0.32 -8.77 -39.48
C GLN C 277 -0.63 -9.89 -40.47
N GLU C 278 -1.91 -10.20 -40.64
CA GLU C 278 -2.34 -11.30 -41.51
C GLU C 278 -2.21 -10.96 -43.00
N ARG C 279 -2.20 -9.68 -43.33
CA ARG C 279 -1.97 -9.25 -44.70
C ARG C 279 -0.49 -9.33 -45.07
N LEU C 280 0.38 -9.47 -44.06
CA LEU C 280 1.82 -9.40 -44.25
C LEU C 280 2.39 -10.60 -45.03
N GLN C 281 3.48 -10.37 -45.76
CA GLN C 281 4.17 -11.42 -46.53
C GLN C 281 5.64 -11.48 -46.12
N ALA C 282 6.35 -12.45 -46.68
CA ALA C 282 7.77 -12.60 -46.45
C ALA C 282 8.53 -11.91 -47.58
N GLU C 283 8.20 -12.32 -48.81
CA GLU C 283 8.84 -11.83 -50.04
C GLU C 283 7.84 -11.05 -50.93
N PRO C 284 8.28 -10.55 -52.10
CA PRO C 284 7.43 -9.62 -52.87
C PRO C 284 6.07 -10.18 -53.29
N PHE C 285 5.29 -9.32 -53.92
CA PHE C 285 3.88 -9.57 -54.16
C PHE C 285 3.47 -8.73 -55.38
N THR C 286 2.55 -9.21 -56.20
CA THR C 286 2.14 -8.48 -57.40
C THR C 286 1.29 -7.23 -57.06
N ASP C 287 1.73 -6.05 -57.51
CA ASP C 287 1.07 -4.77 -57.17
C ASP C 287 0.93 -4.56 -55.66
N CYS C 288 2.06 -4.33 -55.00
CA CYS C 288 2.11 -4.22 -53.54
C CYS C 288 2.96 -3.04 -53.08
N VAL C 289 3.04 -2.88 -51.75
CA VAL C 289 3.86 -1.84 -51.14
C VAL C 289 4.51 -2.38 -49.89
N PRO C 290 5.74 -1.95 -49.65
CA PRO C 290 6.48 -2.43 -48.49
C PRO C 290 5.99 -1.83 -47.19
N LEU C 292 7.27 -0.98 -43.47
CA LEU C 292 8.59 -0.82 -42.85
C LEU C 292 8.49 0.04 -41.62
N ARG C 293 9.40 -0.12 -40.67
CA ARG C 293 9.42 0.79 -39.54
C ARG C 293 10.70 1.64 -39.51
N LEU C 294 10.57 2.88 -39.05
CA LEU C 294 11.65 3.85 -39.00
C LEU C 294 12.02 4.19 -37.56
N GLU C 295 13.16 3.71 -37.09
CA GLU C 295 13.63 4.10 -35.76
C GLU C 295 14.45 5.38 -35.88
N PHE C 296 14.04 6.43 -35.18
CA PHE C 296 14.79 7.67 -35.23
C PHE C 296 15.88 7.68 -34.16
N THR C 297 17.10 7.90 -34.61
CA THR C 297 18.29 7.73 -33.80
C THR C 297 18.75 9.05 -33.17
N GLY C 298 17.89 10.04 -33.10
CA GLY C 298 18.38 11.34 -32.69
C GLY C 298 18.94 12.16 -33.82
N GLN C 299 18.06 12.45 -34.78
CA GLN C 299 18.41 13.24 -35.96
C GLN C 299 18.53 14.77 -35.76
N SER C 300 17.41 15.51 -35.78
CA SER C 300 17.43 16.95 -35.53
C SER C 300 16.04 17.41 -35.84
N VAL C 301 15.62 18.53 -35.27
CA VAL C 301 14.28 18.99 -35.57
C VAL C 301 14.24 19.82 -36.84
N ASP C 302 15.36 20.45 -37.16
CA ASP C 302 15.47 21.29 -38.37
C ASP C 302 15.67 20.51 -39.69
N ALA C 303 15.81 19.21 -39.56
CA ALA C 303 15.99 18.32 -40.69
C ALA C 303 14.65 17.82 -41.20
N PRO C 304 14.29 18.25 -42.40
CA PRO C 304 12.99 17.88 -42.96
C PRO C 304 13.04 16.56 -43.71
N LEU C 305 13.37 15.50 -43.01
CA LEU C 305 13.60 14.26 -43.68
C LEU C 305 12.34 13.65 -44.28
N LEU C 306 11.30 13.48 -43.48
CA LEU C 306 10.14 12.75 -43.96
C LEU C 306 9.44 13.52 -45.07
N SER C 307 9.65 14.85 -45.04
CA SER C 307 9.03 15.80 -45.99
C SER C 307 9.85 15.84 -47.29
N GLU C 308 11.15 15.95 -47.14
CA GLU C 308 11.96 16.01 -48.31
C GLU C 308 11.84 14.68 -49.02
N THR C 309 11.87 13.59 -48.26
CA THR C 309 11.80 12.25 -48.84
C THR C 309 10.52 12.00 -49.54
N ALA C 310 9.49 12.67 -49.08
CA ALA C 310 8.19 12.43 -49.64
C ALA C 310 8.10 13.06 -51.04
N ARG C 311 8.53 14.32 -51.18
CA ARG C 311 8.42 14.99 -52.47
C ARG C 311 9.56 14.78 -53.46
N ARG C 312 10.81 14.65 -53.00
CA ARG C 312 11.94 14.44 -53.94
C ARG C 312 11.91 13.10 -54.63
N PHE C 313 11.60 12.03 -53.90
CA PHE C 313 11.50 10.68 -54.47
C PHE C 313 10.10 10.30 -54.95
N ASN C 314 9.13 11.13 -54.63
CA ASN C 314 7.72 10.89 -54.95
C ASN C 314 7.22 9.61 -54.36
N VAL C 315 7.13 9.58 -53.03
CA VAL C 315 6.65 8.42 -52.30
C VAL C 315 5.69 8.81 -51.20
N ASN C 316 4.62 8.05 -51.04
CA ASN C 316 3.64 8.38 -50.02
C ASN C 316 4.01 7.65 -48.74
N ASN C 317 4.51 8.40 -47.76
CA ASN C 317 4.87 7.75 -46.53
C ASN C 317 3.64 7.91 -45.64
N ASN C 318 2.87 6.83 -45.50
CA ASN C 318 1.62 6.83 -44.77
C ASN C 318 1.86 6.36 -43.37
N ILE C 319 1.58 7.19 -42.38
CA ILE C 319 1.96 6.82 -41.06
C ILE C 319 0.84 6.00 -40.48
N ILE C 320 1.10 4.71 -40.26
CA ILE C 320 0.11 3.80 -39.68
C ILE C 320 0.13 3.89 -38.14
N SER C 321 1.33 3.98 -37.59
CA SER C 321 1.48 4.14 -36.17
C SER C 321 2.74 4.88 -35.86
N ALA C 322 2.73 5.73 -34.83
CA ALA C 322 3.93 6.49 -34.50
C ALA C 322 4.07 6.89 -33.06
N GLN C 323 5.29 6.84 -32.55
CA GLN C 323 5.62 7.48 -31.29
C GLN C 323 7.01 8.14 -31.39
N ASP C 325 9.43 11.41 -29.38
CA ASP C 325 9.52 12.38 -28.29
C ASP C 325 10.65 13.34 -28.55
N TYR C 326 10.64 14.44 -27.83
CA TYR C 326 11.65 15.48 -28.03
C TYR C 326 12.54 15.62 -26.83
N ALA C 327 13.84 15.59 -27.05
CA ALA C 327 14.76 15.93 -25.99
C ALA C 327 16.05 16.63 -26.46
N GLY C 328 16.36 17.81 -25.93
CA GLY C 328 17.61 18.50 -26.31
C GLY C 328 17.76 18.86 -27.78
N GLY C 329 16.65 19.16 -28.44
CA GLY C 329 16.67 19.54 -29.85
C GLY C 329 16.87 18.39 -30.83
N VAL C 330 16.25 17.25 -30.56
CA VAL C 330 16.41 16.10 -31.42
C VAL C 330 15.18 15.21 -31.41
N LYS C 331 14.89 14.65 -32.59
CA LYS C 331 13.76 13.74 -32.79
C LYS C 331 14.23 12.33 -32.49
N PHE C 332 13.45 11.58 -31.74
CA PHE C 332 13.74 10.16 -31.62
C PHE C 332 12.49 9.36 -31.32
N GLY C 333 12.45 8.11 -31.75
CA GLY C 333 11.28 7.30 -31.53
C GLY C 333 11.16 6.22 -32.56
N ILE C 334 9.95 5.73 -32.77
CA ILE C 334 9.70 4.72 -33.79
C ILE C 334 8.45 5.08 -34.61
N LEU C 336 5.64 3.11 -37.60
CA LEU C 336 5.26 2.12 -38.61
C LEU C 336 4.61 2.84 -39.77
N THR C 337 5.10 2.57 -40.98
CA THR C 337 4.66 3.36 -42.14
C THR C 337 4.56 2.53 -43.43
N GLU C 338 3.58 2.88 -44.24
CA GLU C 338 3.41 2.28 -45.54
C GLU C 338 4.08 3.24 -46.53
N HIS C 340 4.41 3.95 -50.60
CA HIS C 340 4.06 3.65 -51.99
C HIS C 340 5.02 4.33 -52.96
N GLY C 341 4.73 4.24 -54.26
CA GLY C 341 5.60 4.81 -55.28
C GLY C 341 6.39 3.78 -56.08
N THR C 342 7.25 4.28 -57.00
CA THR C 342 8.00 3.41 -57.90
C THR C 342 9.08 2.68 -57.15
N GLN C 343 9.36 1.46 -57.60
CA GLN C 343 10.35 0.64 -56.91
C GLN C 343 11.70 1.29 -57.09
N GLN C 344 11.87 1.96 -58.22
CA GLN C 344 13.13 2.65 -58.45
C GLN C 344 13.26 3.77 -57.41
N ASP C 345 12.12 4.41 -57.10
CA ASP C 345 12.07 5.52 -56.14
C ASP C 345 12.16 5.02 -54.71
N THR C 346 11.33 4.03 -54.41
CA THR C 346 11.17 3.54 -53.04
C THR C 346 12.47 3.09 -52.44
N GLN C 347 13.27 2.43 -53.27
CA GLN C 347 14.57 1.96 -52.85
C GLN C 347 15.42 3.14 -52.46
N ALA C 348 15.46 4.14 -53.34
CA ALA C 348 16.31 5.29 -53.11
C ALA C 348 15.79 6.12 -51.95
N ALA C 349 14.48 6.10 -51.81
CA ALA C 349 13.84 6.84 -50.76
C ALA C 349 14.28 6.31 -49.39
N ILE C 350 14.32 4.98 -49.24
CA ILE C 350 14.69 4.37 -47.97
C ILE C 350 16.12 4.64 -47.67
N ALA C 351 16.90 4.63 -48.73
CA ALA C 351 18.33 4.80 -48.62
C ALA C 351 18.71 6.22 -48.20
N TRP C 352 17.91 7.20 -48.63
CA TRP C 352 18.19 8.59 -48.30
C TRP C 352 17.97 8.86 -46.82
N LEU C 353 16.93 8.27 -46.29
CA LEU C 353 16.68 8.36 -44.86
C LEU C 353 17.79 7.60 -44.14
N GLN C 354 18.10 6.41 -44.63
CA GLN C 354 19.11 5.60 -44.00
C GLN C 354 20.42 6.34 -43.89
N GLU C 355 20.77 7.04 -44.97
CA GLU C 355 22.02 7.79 -45.00
C GLU C 355 22.03 8.99 -44.04
N HIS C 356 20.84 9.45 -43.69
CA HIS C 356 20.65 10.52 -42.71
C HIS C 356 20.41 9.98 -41.29
N HIS C 357 20.82 8.74 -41.06
CA HIS C 357 20.68 8.07 -39.76
C HIS C 357 19.26 7.80 -39.38
N VAL C 358 18.63 6.90 -40.13
CA VAL C 358 17.33 6.36 -39.78
C VAL C 358 17.31 4.86 -39.96
N LYS C 359 17.15 4.12 -38.88
CA LYS C 359 17.19 2.67 -38.99
C LYS C 359 15.92 2.21 -39.70
N VAL C 360 16.05 1.48 -40.81
CA VAL C 360 14.87 1.05 -41.54
C VAL C 360 14.82 -0.45 -41.73
N GLU C 361 13.84 -1.09 -41.10
CA GLU C 361 13.68 -2.52 -41.29
C GLU C 361 12.52 -2.69 -42.24
N VAL C 362 12.59 -3.67 -43.13
CA VAL C 362 11.45 -3.99 -43.97
C VAL C 362 10.67 -5.09 -43.26
N LEU C 363 9.50 -4.77 -42.75
CA LEU C 363 8.77 -5.79 -42.05
C LEU C 363 7.69 -6.28 -43.02
N GLY C 364 8.07 -7.23 -43.87
CA GLY C 364 7.18 -7.70 -44.92
C GLY C 364 6.63 -6.72 -45.94
N TYR C 365 5.68 -7.17 -46.75
CA TYR C 365 5.05 -6.36 -47.82
C TYR C 365 3.54 -6.42 -47.70
N VAL C 366 2.83 -5.56 -48.42
CA VAL C 366 1.36 -5.61 -48.42
C VAL C 366 0.78 -5.40 -49.81
N HIS D 23 -25.30 -15.10 -28.17
CA HIS D 23 -24.69 -16.40 -27.91
C HIS D 23 -24.58 -16.68 -26.42
N ILE D 25 -22.91 -15.08 -22.36
CA ILE D 25 -22.68 -13.86 -21.56
C ILE D 25 -23.50 -12.66 -22.08
N LYS D 26 -24.82 -12.75 -21.96
CA LYS D 26 -25.73 -11.74 -22.46
C LYS D 26 -26.66 -11.31 -21.33
N LEU D 27 -26.47 -10.10 -20.84
CA LEU D 27 -27.23 -9.64 -19.68
C LEU D 27 -28.35 -8.70 -20.09
N SER D 28 -29.51 -8.81 -19.44
CA SER D 28 -30.71 -8.05 -19.81
C SER D 28 -31.13 -7.03 -18.75
N ASN D 29 -30.92 -5.75 -19.05
CA ASN D 29 -31.41 -4.62 -18.22
C ASN D 29 -31.34 -4.86 -16.71
N ILE D 30 -30.13 -4.89 -16.18
CA ILE D 30 -29.92 -5.08 -14.73
C ILE D 30 -29.99 -3.76 -13.97
N THR D 31 -30.86 -3.71 -12.97
CA THR D 31 -30.97 -2.55 -12.08
C THR D 31 -30.72 -2.98 -10.64
N LYS D 32 -30.03 -2.15 -9.87
CA LYS D 32 -29.75 -2.48 -8.47
C LYS D 32 -29.67 -1.24 -7.57
N VAL D 33 -30.23 -1.34 -6.36
CA VAL D 33 -30.18 -0.24 -5.40
C VAL D 33 -29.22 -0.57 -4.26
N PHE D 34 -28.51 0.44 -3.77
CA PHE D 34 -27.54 0.23 -2.70
C PHE D 34 -28.23 0.55 -1.38
N HIS D 35 -28.50 -0.51 -0.60
CA HIS D 35 -29.22 -0.39 0.68
C HIS D 35 -28.29 -0.42 1.89
N GLN D 36 -28.16 0.72 2.56
CA GLN D 36 -27.48 0.78 3.84
C GLN D 36 -28.48 0.79 4.99
N GLY D 37 -29.77 0.77 4.68
CA GLY D 37 -30.71 1.33 5.61
C GLY D 37 -31.91 1.91 4.90
N THR D 38 -32.37 3.00 5.48
CA THR D 38 -33.26 3.95 4.78
C THR D 38 -32.58 4.63 3.56
N ARG D 39 -31.24 4.60 3.48
CA ARG D 39 -30.50 5.19 2.35
C ARG D 39 -30.71 4.41 1.06
N THR D 40 -31.01 5.11 -0.03
CA THR D 40 -31.26 4.48 -1.32
C THR D 40 -30.61 5.22 -2.48
N ILE D 41 -29.70 4.55 -3.20
CA ILE D 41 -29.08 5.12 -4.41
C ILE D 41 -28.84 4.02 -5.45
N GLN D 42 -29.14 4.31 -6.72
CA GLN D 42 -29.07 3.30 -7.77
C GLN D 42 -27.73 3.34 -8.48
N ALA D 43 -26.92 2.31 -8.23
CA ALA D 43 -25.60 2.22 -8.84
C ALA D 43 -25.78 1.73 -10.25
N LEU D 44 -26.73 0.83 -10.42
CA LEU D 44 -27.09 0.33 -11.74
C LEU D 44 -28.55 0.66 -12.05
N ASN D 45 -28.81 1.17 -13.25
CA ASN D 45 -30.16 1.45 -13.69
C ASN D 45 -30.44 1.01 -15.14
N ASN D 46 -31.20 -0.06 -15.30
CA ASN D 46 -31.64 -0.53 -16.62
C ASN D 46 -30.56 -0.54 -17.72
N VAL D 47 -29.63 -1.47 -17.65
CA VAL D 47 -28.53 -1.54 -18.61
C VAL D 47 -28.33 -2.97 -19.15
N SER D 48 -28.31 -3.09 -20.47
CA SER D 48 -28.13 -4.41 -21.11
C SER D 48 -26.78 -4.49 -21.82
N LEU D 49 -26.23 -5.69 -21.93
CA LEU D 49 -25.02 -5.88 -22.71
C LEU D 49 -24.92 -7.30 -23.28
N HIS D 50 -24.41 -7.42 -24.50
CA HIS D 50 -24.26 -8.71 -25.15
C HIS D 50 -22.85 -8.86 -25.72
N VAL D 51 -22.13 -9.87 -25.26
CA VAL D 51 -20.80 -10.18 -25.75
C VAL D 51 -20.79 -11.55 -26.46
N PRO D 52 -20.49 -11.56 -27.76
CA PRO D 52 -20.45 -12.83 -28.50
C PRO D 52 -19.41 -13.80 -27.93
N ALA D 53 -19.57 -15.09 -28.18
CA ALA D 53 -18.65 -16.07 -27.68
C ALA D 53 -17.29 -15.95 -28.36
N GLY D 54 -16.23 -15.85 -27.57
CA GLY D 54 -14.89 -15.55 -28.07
C GLY D 54 -14.55 -14.11 -28.46
N GLN D 55 -14.86 -13.18 -27.56
CA GLN D 55 -14.50 -11.76 -27.75
C GLN D 55 -14.12 -11.08 -26.43
N ILE D 56 -13.37 -9.99 -26.53
CA ILE D 56 -12.97 -9.21 -25.36
C ILE D 56 -13.80 -7.94 -25.29
N TYR D 57 -14.68 -7.84 -24.31
CA TYR D 57 -15.57 -6.69 -24.18
C TYR D 57 -15.22 -5.83 -22.99
N GLY D 58 -14.75 -4.60 -23.23
CA GLY D 58 -14.42 -3.70 -22.13
C GLY D 58 -15.58 -2.84 -21.67
N VAL D 59 -15.64 -2.54 -20.38
CA VAL D 59 -16.61 -1.56 -19.90
C VAL D 59 -15.89 -0.51 -19.05
N ILE D 60 -15.71 0.68 -19.64
CA ILE D 60 -14.96 1.77 -19.00
C ILE D 60 -15.90 2.68 -18.24
N GLY D 61 -15.42 3.26 -17.14
CA GLY D 61 -16.21 4.20 -16.38
C GLY D 61 -15.38 5.10 -15.46
N ALA D 62 -16.08 5.96 -14.73
CA ALA D 62 -15.48 6.92 -13.80
C ALA D 62 -15.17 6.26 -12.49
N SER D 63 -14.97 7.05 -11.43
CA SER D 63 -14.58 6.50 -10.16
C SER D 63 -15.76 5.77 -9.53
N GLY D 64 -15.67 4.43 -9.51
CA GLY D 64 -16.71 3.57 -8.96
C GLY D 64 -18.14 3.92 -9.38
N ALA D 65 -18.34 4.13 -10.67
CA ALA D 65 -19.62 4.61 -11.20
C ALA D 65 -20.59 3.48 -11.54
N GLY D 66 -20.30 2.29 -11.03
CA GLY D 66 -21.16 1.12 -11.23
C GLY D 66 -20.52 0.04 -12.05
N LYS D 67 -19.38 0.35 -12.64
CA LYS D 67 -18.61 -0.64 -13.38
C LYS D 67 -18.14 -1.73 -12.46
N SER D 68 -17.76 -1.33 -11.24
CA SER D 68 -17.31 -2.27 -10.23
C SER D 68 -18.47 -3.20 -9.80
N THR D 69 -19.68 -2.64 -9.74
CA THR D 69 -20.89 -3.38 -9.37
C THR D 69 -21.41 -4.24 -10.52
N LEU D 70 -21.26 -3.72 -11.73
CA LEU D 70 -21.84 -4.35 -12.91
C LEU D 70 -21.15 -5.66 -13.27
N ILE D 71 -19.82 -5.65 -13.35
CA ILE D 71 -19.07 -6.82 -13.83
C ILE D 71 -19.42 -8.07 -13.05
N ARG D 72 -19.68 -7.87 -11.76
CA ARG D 72 -19.91 -9.00 -10.87
C ARG D 72 -21.38 -9.41 -10.77
N CYS D 73 -22.22 -8.80 -11.60
CA CYS D 73 -23.61 -9.22 -11.70
C CYS D 73 -23.73 -10.47 -12.59
N VAL D 74 -22.72 -10.67 -13.42
CA VAL D 74 -22.66 -11.84 -14.29
C VAL D 74 -22.32 -13.11 -13.52
N ASN D 75 -21.34 -13.00 -12.64
CA ASN D 75 -20.95 -14.11 -11.78
C ASN D 75 -21.87 -14.19 -10.56
N LEU D 76 -22.75 -13.21 -10.42
CA LEU D 76 -23.69 -13.15 -9.31
C LEU D 76 -23.05 -13.06 -7.94
N LEU D 77 -22.01 -12.26 -7.83
CA LEU D 77 -21.42 -12.00 -6.54
C LEU D 77 -22.38 -11.09 -5.80
N GLU D 78 -22.85 -10.05 -6.49
CA GLU D 78 -23.87 -9.20 -5.94
C GLU D 78 -25.16 -9.49 -6.67
N ARG D 79 -26.28 -9.41 -5.95
CA ARG D 79 -27.59 -9.80 -6.46
C ARG D 79 -28.34 -8.60 -7.06
N PRO D 80 -28.73 -8.72 -8.34
CA PRO D 80 -29.51 -7.66 -8.98
C PRO D 80 -30.92 -7.54 -8.41
N THR D 81 -31.50 -6.35 -8.43
CA THR D 81 -32.88 -6.12 -8.01
C THR D 81 -33.90 -6.51 -9.09
N GLU D 82 -33.61 -6.12 -10.33
CA GLU D 82 -34.46 -6.48 -11.46
C GLU D 82 -33.61 -6.80 -12.69
N GLY D 83 -33.87 -7.93 -13.35
CA GLY D 83 -33.18 -8.26 -14.57
C GLY D 83 -33.03 -9.74 -14.85
N SER D 84 -32.40 -10.06 -15.98
CA SER D 84 -32.08 -11.45 -16.35
C SER D 84 -30.69 -11.51 -16.96
N VAL D 85 -29.98 -12.63 -16.73
CA VAL D 85 -28.64 -12.75 -17.27
C VAL D 85 -28.39 -14.06 -18.01
N LEU D 86 -28.27 -13.99 -19.34
CA LEU D 86 -28.02 -15.18 -20.12
C LEU D 86 -26.52 -15.47 -20.13
N VAL D 87 -26.15 -16.65 -19.66
CA VAL D 87 -24.75 -17.04 -19.66
C VAL D 87 -24.66 -18.48 -20.17
N ASP D 88 -23.94 -18.66 -21.28
CA ASP D 88 -23.88 -19.97 -21.95
C ASP D 88 -25.28 -20.44 -22.30
N GLY D 89 -26.14 -19.50 -22.66
CA GLY D 89 -27.51 -19.80 -23.06
C GLY D 89 -28.46 -20.13 -21.92
N GLN D 90 -28.11 -19.68 -20.71
CA GLN D 90 -28.93 -19.94 -19.54
C GLN D 90 -28.85 -18.80 -18.53
N GLU D 91 -29.96 -18.54 -17.84
CA GLU D 91 -30.03 -17.44 -16.85
C GLU D 91 -29.73 -17.91 -15.43
N LEU D 92 -29.00 -17.08 -14.69
CA LEU D 92 -28.68 -17.36 -13.30
C LEU D 92 -29.58 -16.61 -12.30
N THR D 93 -30.52 -15.83 -12.82
CA THR D 93 -31.37 -14.96 -11.99
C THR D 93 -32.45 -15.72 -11.25
N THR D 94 -32.56 -17.01 -11.52
CA THR D 94 -33.62 -17.86 -10.97
C THR D 94 -33.48 -18.13 -9.46
N LEU D 95 -32.39 -17.69 -8.86
CA LEU D 95 -32.08 -18.01 -7.45
C LEU D 95 -31.96 -19.54 -7.23
N SER D 96 -30.88 -20.10 -7.76
CA SER D 96 -30.64 -21.55 -7.81
C SER D 96 -29.83 -22.11 -6.64
N GLU D 97 -29.59 -21.33 -5.60
CA GLU D 97 -28.85 -21.79 -4.44
C GLU D 97 -27.42 -22.23 -4.81
N SER D 98 -27.13 -23.51 -4.66
CA SER D 98 -25.78 -24.02 -4.95
C SER D 98 -25.57 -24.53 -6.39
N GLU D 99 -26.60 -24.37 -7.24
CA GLU D 99 -26.50 -24.75 -8.64
C GLU D 99 -25.58 -23.82 -9.42
N LEU D 100 -25.23 -22.69 -8.80
CA LEU D 100 -24.30 -21.74 -9.39
C LEU D 100 -22.91 -22.34 -9.46
N THR D 101 -22.67 -23.38 -8.67
CA THR D 101 -21.35 -23.99 -8.55
C THR D 101 -20.66 -24.19 -9.89
N LYS D 102 -21.20 -25.04 -10.75
CA LYS D 102 -20.60 -25.29 -12.06
C LYS D 102 -20.67 -24.05 -12.97
N ALA D 103 -21.67 -23.20 -12.74
CA ALA D 103 -21.80 -21.94 -13.47
C ALA D 103 -20.68 -21.02 -13.07
N ARG D 104 -20.33 -21.06 -11.79
CA ARG D 104 -19.20 -20.30 -11.25
C ARG D 104 -17.86 -20.93 -11.63
N ARG D 105 -17.86 -22.25 -11.90
CA ARG D 105 -16.67 -22.95 -12.39
C ARG D 105 -16.45 -22.64 -13.87
N GLN D 106 -17.53 -22.34 -14.56
CA GLN D 106 -17.47 -21.88 -15.95
C GLN D 106 -17.40 -20.36 -16.05
N ILE D 107 -17.55 -19.65 -14.93
CA ILE D 107 -17.19 -18.23 -14.87
C ILE D 107 -16.09 -17.96 -13.81
N GLY D 108 -14.86 -17.80 -14.28
CA GLY D 108 -13.74 -17.64 -13.38
C GLY D 108 -13.54 -16.16 -13.19
N ILE D 110 -10.58 -12.82 -11.79
CA ILE D 110 -9.34 -12.31 -11.24
C ILE D 110 -9.57 -10.87 -10.84
N PHE D 111 -9.07 -10.48 -9.68
CA PHE D 111 -9.38 -9.17 -9.13
C PHE D 111 -8.24 -8.17 -9.23
N GLN D 112 -8.48 -6.93 -8.78
CA GLN D 112 -7.45 -5.89 -8.73
C GLN D 112 -6.37 -6.33 -7.76
N HIS D 113 -6.79 -6.58 -6.53
CA HIS D 113 -5.92 -7.19 -5.55
C HIS D 113 -5.93 -8.69 -5.86
N PHE D 114 -4.76 -9.28 -5.97
CA PHE D 114 -4.67 -10.65 -6.46
C PHE D 114 -5.43 -11.68 -5.61
N ASN D 115 -5.71 -11.35 -4.36
CA ASN D 115 -6.52 -12.23 -3.51
C ASN D 115 -6.04 -13.68 -3.45
N LEU D 116 -4.73 -13.88 -3.43
CA LEU D 116 -4.13 -15.19 -3.26
C LEU D 116 -4.17 -15.66 -1.81
N LEU D 117 -4.11 -16.97 -1.58
CA LEU D 117 -4.01 -17.48 -0.21
C LEU D 117 -2.56 -17.51 0.27
N SER D 118 -2.26 -16.74 1.30
CA SER D 118 -0.90 -16.61 1.80
C SER D 118 -0.42 -17.93 2.38
N SER D 119 -1.38 -18.74 2.81
CA SER D 119 -1.09 -20.00 3.46
C SER D 119 -0.55 -21.03 2.47
N ARG D 120 -0.95 -20.88 1.21
CA ARG D 120 -0.69 -21.91 0.20
C ARG D 120 0.30 -21.47 -0.89
N THR D 121 0.96 -22.44 -1.53
CA THR D 121 1.93 -22.17 -2.58
C THR D 121 1.26 -21.73 -3.87
N VAL D 122 2.07 -21.41 -4.88
CA VAL D 122 1.55 -21.00 -6.18
C VAL D 122 0.92 -22.18 -6.91
N PHE D 123 1.44 -23.36 -6.60
CA PHE D 123 0.86 -24.60 -7.10
C PHE D 123 -0.55 -24.77 -6.56
N GLY D 124 -0.69 -24.66 -5.25
CA GLY D 124 -1.95 -24.97 -4.60
C GLY D 124 -3.04 -23.96 -4.83
N ASN D 125 -2.66 -22.69 -4.99
CA ASN D 125 -3.64 -21.63 -5.24
C ASN D 125 -4.49 -21.93 -6.46
N VAL D 126 -3.86 -22.55 -7.45
CA VAL D 126 -4.57 -22.99 -8.64
C VAL D 126 -5.32 -24.30 -8.33
N ALA D 127 -4.77 -25.06 -7.39
CA ALA D 127 -5.33 -26.36 -7.06
C ALA D 127 -6.57 -26.21 -6.20
N LEU D 128 -6.61 -25.15 -5.41
CA LEU D 128 -7.70 -24.99 -4.43
C LEU D 128 -9.11 -25.00 -5.05
N PRO D 129 -9.29 -24.26 -6.13
CA PRO D 129 -10.61 -24.29 -6.76
C PRO D 129 -10.96 -25.69 -7.24
N LEU D 130 -9.93 -26.45 -7.62
CA LEU D 130 -10.12 -27.82 -8.11
C LEU D 130 -10.30 -28.83 -6.96
N GLU D 131 -9.71 -28.53 -5.80
CA GLU D 131 -9.87 -29.37 -4.60
C GLU D 131 -11.26 -29.19 -4.02
N LEU D 132 -11.94 -28.12 -4.42
CA LEU D 132 -13.30 -27.87 -3.99
C LEU D 132 -14.28 -28.86 -4.61
N ASP D 133 -13.89 -29.47 -5.74
CA ASP D 133 -14.74 -30.38 -6.52
C ASP D 133 -14.49 -31.89 -6.24
N ASN D 134 -13.66 -32.17 -5.24
CA ASN D 134 -13.35 -33.55 -4.84
C ASN D 134 -12.64 -34.37 -5.92
N THR D 135 -11.84 -33.70 -6.74
CA THR D 135 -11.07 -34.37 -7.79
C THR D 135 -9.88 -35.12 -7.19
N PRO D 136 -9.45 -36.20 -7.85
CA PRO D 136 -8.24 -36.90 -7.41
C PRO D 136 -7.01 -36.02 -7.45
N LYS D 137 -6.02 -36.35 -6.63
CA LYS D 137 -4.79 -35.55 -6.49
C LYS D 137 -3.90 -35.60 -7.72
N ASP D 138 -4.02 -36.67 -8.50
CA ASP D 138 -3.28 -36.77 -9.75
C ASP D 138 -3.96 -36.01 -10.88
N GLU D 139 -5.29 -36.02 -10.89
CA GLU D 139 -6.07 -35.34 -11.93
C GLU D 139 -5.89 -33.82 -11.84
N VAL D 140 -5.82 -33.32 -10.62
CA VAL D 140 -5.61 -31.90 -10.39
C VAL D 140 -4.18 -31.49 -10.76
N LYS D 141 -3.23 -32.43 -10.60
CA LYS D 141 -1.84 -32.15 -10.89
C LYS D 141 -1.61 -31.92 -12.38
N ARG D 142 -2.53 -32.44 -13.20
CA ARG D 142 -2.44 -32.28 -14.65
C ARG D 142 -2.75 -30.85 -15.07
N ARG D 143 -3.90 -30.35 -14.65
CA ARG D 143 -4.37 -29.02 -15.06
C ARG D 143 -3.54 -27.90 -14.48
N VAL D 144 -2.93 -28.16 -13.33
CA VAL D 144 -2.11 -27.15 -12.66
C VAL D 144 -0.75 -26.97 -13.33
N THR D 145 -0.03 -28.07 -13.52
CA THR D 145 1.31 -28.01 -14.09
C THR D 145 1.33 -27.40 -15.48
N GLU D 146 0.26 -27.62 -16.24
CA GLU D 146 0.13 -27.05 -17.58
C GLU D 146 -0.20 -25.55 -17.54
N LEU D 147 -1.11 -25.17 -16.65
CA LEU D 147 -1.50 -23.78 -16.51
C LEU D 147 -0.39 -22.91 -15.90
N LEU D 148 0.51 -23.54 -15.13
CA LEU D 148 1.68 -22.86 -14.60
C LEU D 148 2.69 -22.56 -15.71
N SER D 149 2.91 -23.55 -16.58
CA SER D 149 3.81 -23.38 -17.73
C SER D 149 3.20 -22.47 -18.79
N LEU D 150 1.89 -22.22 -18.68
CA LEU D 150 1.17 -21.35 -19.61
C LEU D 150 1.65 -19.91 -19.52
N VAL D 151 1.64 -19.37 -18.30
CA VAL D 151 2.03 -18.00 -18.05
C VAL D 151 3.52 -17.82 -17.72
N GLY D 152 4.25 -18.93 -17.64
CA GLY D 152 5.65 -18.87 -17.26
C GLY D 152 5.97 -19.06 -15.78
N LEU D 153 5.06 -19.74 -15.10
CA LEU D 153 5.22 -20.07 -13.68
C LEU D 153 5.77 -21.49 -13.40
N GLY D 154 6.22 -22.19 -14.44
CA GLY D 154 6.87 -23.47 -14.27
C GLY D 154 8.22 -23.32 -13.58
N ASP D 155 8.81 -22.13 -13.68
CA ASP D 155 10.06 -21.82 -13.00
C ASP D 155 9.90 -21.67 -11.48
N LYS D 156 9.02 -20.77 -11.03
CA LYS D 156 8.85 -20.61 -9.59
C LYS D 156 7.52 -21.27 -9.20
N HIS D 157 7.58 -22.58 -8.96
CA HIS D 157 6.38 -23.37 -8.69
C HIS D 157 6.13 -23.60 -7.20
N ASP D 158 7.22 -23.48 -6.42
CA ASP D 158 7.19 -23.72 -4.98
C ASP D 158 7.18 -22.47 -4.10
N SER D 159 7.26 -21.29 -4.70
CA SER D 159 7.30 -20.04 -3.93
C SER D 159 5.91 -19.66 -3.39
N TYR D 160 5.89 -18.90 -2.31
CA TYR D 160 4.64 -18.40 -1.72
C TYR D 160 4.27 -17.01 -2.27
N PRO D 161 3.00 -16.62 -2.16
CA PRO D 161 2.54 -15.30 -2.58
C PRO D 161 3.42 -14.16 -2.05
N SER D 162 4.02 -14.33 -0.88
CA SER D 162 4.82 -13.26 -0.29
C SER D 162 6.05 -12.94 -1.11
N ASN D 163 6.57 -13.95 -1.81
CA ASN D 163 7.75 -13.78 -2.67
C ASN D 163 7.51 -13.21 -4.08
N LEU D 164 6.44 -13.66 -4.72
CA LEU D 164 6.14 -13.33 -6.12
C LEU D 164 5.99 -11.83 -6.37
N SER D 165 6.42 -11.40 -7.56
CA SER D 165 6.36 -9.99 -7.94
C SER D 165 4.98 -9.60 -8.39
N GLY D 166 4.80 -8.32 -8.66
CA GLY D 166 3.49 -7.78 -8.96
C GLY D 166 2.79 -8.54 -10.07
N GLY D 167 3.46 -8.66 -11.21
CA GLY D 167 2.87 -9.35 -12.34
C GLY D 167 2.77 -10.84 -12.08
N GLN D 168 3.80 -11.39 -11.45
CA GLN D 168 3.86 -12.81 -11.22
C GLN D 168 2.75 -13.27 -10.30
N LYS D 169 2.30 -12.36 -9.44
CA LYS D 169 1.19 -12.67 -8.53
C LYS D 169 -0.13 -12.72 -9.28
N GLN D 170 -0.24 -11.97 -10.36
CA GLN D 170 -1.44 -12.02 -11.18
C GLN D 170 -1.42 -13.26 -12.05
N ARG D 171 -0.24 -13.62 -12.50
CA ARG D 171 -0.10 -14.77 -13.39
C ARG D 171 -0.69 -16.04 -12.76
N VAL D 172 -0.52 -16.19 -11.46
CA VAL D 172 -1.08 -17.36 -10.78
C VAL D 172 -2.59 -17.25 -10.70
N ALA D 173 -3.07 -16.03 -10.63
CA ALA D 173 -4.51 -15.78 -10.52
C ALA D 173 -5.24 -16.12 -11.81
N ILE D 174 -4.54 -15.93 -12.92
CA ILE D 174 -5.08 -16.24 -14.23
C ILE D 174 -5.23 -17.75 -14.33
N ALA D 175 -4.22 -18.48 -13.88
CA ALA D 175 -4.26 -19.92 -13.93
C ALA D 175 -5.27 -20.43 -12.93
N ARG D 176 -5.52 -19.63 -11.91
CA ARG D 176 -6.43 -20.01 -10.86
C ARG D 176 -7.86 -20.12 -11.38
N ALA D 177 -8.30 -19.09 -12.07
CA ALA D 177 -9.66 -19.08 -12.54
C ALA D 177 -9.87 -20.11 -13.66
N LEU D 178 -8.79 -20.42 -14.37
CA LEU D 178 -8.82 -21.35 -15.53
C LEU D 178 -8.69 -22.83 -15.14
N ALA D 179 -8.66 -23.07 -13.84
CA ALA D 179 -8.48 -24.43 -13.32
C ALA D 179 -9.63 -25.36 -13.72
N SER D 180 -10.84 -24.84 -13.62
CA SER D 180 -12.04 -25.62 -13.90
C SER D 180 -12.46 -25.53 -15.37
N ASN D 181 -11.63 -24.88 -16.20
CA ASN D 181 -11.85 -24.78 -17.66
C ASN D 181 -13.16 -24.06 -18.04
N PRO D 182 -13.25 -22.75 -17.75
CA PRO D 182 -14.40 -21.90 -18.07
C PRO D 182 -14.42 -21.34 -19.50
N LYS D 183 -15.62 -21.01 -19.99
CA LYS D 183 -15.80 -20.24 -21.23
C LYS D 183 -15.59 -18.73 -20.98
N VAL D 184 -16.22 -18.24 -19.92
CA VAL D 184 -16.20 -16.82 -19.56
C VAL D 184 -15.15 -16.54 -18.46
N LEU D 185 -14.45 -15.41 -18.59
CA LEU D 185 -13.48 -14.97 -17.60
C LEU D 185 -13.68 -13.50 -17.27
N LEU D 186 -14.09 -13.21 -16.04
CA LEU D 186 -14.33 -11.82 -15.63
C LEU D 186 -13.06 -11.21 -15.05
N CYS D 187 -12.66 -10.04 -15.54
CA CYS D 187 -11.47 -9.37 -15.04
C CYS D 187 -11.81 -8.01 -14.46
N ASP D 188 -11.72 -7.87 -13.14
CA ASP D 188 -12.06 -6.62 -12.50
C ASP D 188 -10.78 -5.84 -12.34
N GLN D 189 -10.60 -4.83 -13.17
CA GLN D 189 -9.41 -3.99 -13.14
C GLN D 189 -8.12 -4.80 -13.02
N ALA D 190 -7.95 -5.80 -13.88
CA ALA D 190 -6.85 -6.74 -13.73
C ALA D 190 -5.48 -6.08 -13.67
N THR D 191 -5.24 -5.13 -14.57
CA THR D 191 -3.93 -4.45 -14.68
C THR D 191 -3.81 -3.06 -14.04
N SER D 192 -4.69 -2.77 -13.10
CA SER D 192 -4.67 -1.49 -12.40
C SER D 192 -3.42 -1.25 -11.51
N ALA D 193 -3.07 -2.21 -10.64
CA ALA D 193 -1.95 -2.03 -9.70
C ALA D 193 -0.58 -2.44 -10.28
N LEU D 194 -0.60 -2.94 -11.51
CA LEU D 194 0.62 -3.35 -12.19
C LEU D 194 1.28 -2.21 -12.97
N ASP D 195 2.61 -2.23 -13.01
CA ASP D 195 3.38 -1.22 -13.75
C ASP D 195 3.19 -1.35 -15.28
N PRO D 196 3.48 -0.28 -16.04
CA PRO D 196 3.24 -0.27 -17.49
C PRO D 196 3.84 -1.48 -18.25
N ALA D 197 5.08 -1.84 -17.95
CA ALA D 197 5.75 -2.95 -18.64
C ALA D 197 5.10 -4.28 -18.29
N THR D 198 4.76 -4.45 -17.02
CA THR D 198 4.11 -5.66 -16.54
C THR D 198 2.70 -5.73 -17.11
N THR D 199 1.99 -4.61 -17.02
CA THR D 199 0.65 -4.49 -17.58
C THR D 199 0.67 -4.92 -19.03
N ARG D 200 1.70 -4.51 -19.74
CA ARG D 200 1.82 -4.82 -21.16
C ARG D 200 1.94 -6.33 -21.38
N SER D 201 2.71 -6.98 -20.52
CA SER D 201 2.96 -8.41 -20.66
C SER D 201 1.72 -9.21 -20.26
N ILE D 202 0.97 -8.67 -19.31
CA ILE D 202 -0.22 -9.36 -18.81
C ILE D 202 -1.35 -9.36 -19.84
N LEU D 203 -1.67 -8.19 -20.36
CA LEU D 203 -2.72 -8.11 -21.35
C LEU D 203 -2.34 -8.89 -22.59
N GLU D 204 -1.04 -9.01 -22.86
CA GLU D 204 -0.56 -9.80 -24.00
C GLU D 204 -0.89 -11.26 -23.76
N LEU D 205 -0.67 -11.70 -22.53
CA LEU D 205 -0.99 -13.06 -22.15
C LEU D 205 -2.50 -13.28 -22.09
N LEU D 206 -3.24 -12.20 -21.84
CA LEU D 206 -4.70 -12.27 -21.81
C LEU D 206 -5.30 -12.54 -23.19
N LYS D 207 -4.73 -11.93 -24.23
CA LYS D 207 -5.20 -12.19 -25.59
C LYS D 207 -4.72 -13.56 -26.09
N ASP D 208 -3.50 -13.93 -25.71
CA ASP D 208 -2.97 -15.24 -26.09
C ASP D 208 -3.92 -16.34 -25.65
N ILE D 209 -4.37 -16.29 -24.40
CA ILE D 209 -5.32 -17.27 -23.88
C ILE D 209 -6.73 -17.04 -24.46
N ASN D 210 -7.00 -15.82 -24.90
CA ASN D 210 -8.27 -15.49 -25.54
C ASN D 210 -8.43 -16.18 -26.88
N ARG D 211 -7.45 -16.01 -27.76
CA ARG D 211 -7.53 -16.53 -29.13
C ARG D 211 -7.22 -18.03 -29.25
N ARG D 212 -6.64 -18.61 -28.20
CA ARG D 212 -6.29 -20.03 -28.22
C ARG D 212 -7.51 -20.92 -28.04
N LEU D 213 -8.13 -20.86 -26.87
CA LEU D 213 -9.32 -21.67 -26.58
C LEU D 213 -10.61 -20.94 -26.95
N GLY D 214 -10.51 -19.67 -27.29
CA GLY D 214 -11.68 -18.85 -27.56
C GLY D 214 -12.44 -18.44 -26.32
N LEU D 215 -11.69 -17.92 -25.34
CA LEU D 215 -12.27 -17.48 -24.08
C LEU D 215 -13.15 -16.23 -24.23
N THR D 216 -14.37 -16.30 -23.69
CA THR D 216 -15.23 -15.12 -23.60
C THR D 216 -14.74 -14.24 -22.44
N ILE D 217 -14.40 -12.98 -22.73
CA ILE D 217 -13.83 -12.11 -21.71
C ILE D 217 -14.56 -10.78 -21.57
N LEU D 218 -15.23 -10.59 -20.44
CA LEU D 218 -15.81 -9.31 -20.07
C LEU D 218 -14.90 -8.69 -19.02
N LEU D 219 -14.58 -7.42 -19.14
CA LEU D 219 -13.68 -6.76 -18.18
C LEU D 219 -13.99 -5.28 -18.00
N ILE D 220 -13.44 -4.70 -16.93
CA ILE D 220 -13.61 -3.28 -16.65
C ILE D 220 -12.27 -2.69 -16.24
N THR D 221 -11.99 -1.47 -16.70
CA THR D 221 -10.77 -0.76 -16.34
C THR D 221 -11.02 0.74 -16.30
N HIS D 222 -10.41 1.43 -15.34
CA HIS D 222 -10.56 2.88 -15.28
C HIS D 222 -9.65 3.57 -16.27
N GLU D 223 -8.62 2.84 -16.73
CA GLU D 223 -7.74 3.31 -17.81
C GLU D 223 -8.30 2.93 -19.18
N ASP D 225 -6.61 3.00 -21.74
CA ASP D 225 -5.48 2.32 -22.33
C ASP D 225 -5.82 0.85 -22.47
N VAL D 226 -6.22 0.24 -21.37
CA VAL D 226 -6.49 -1.20 -21.32
C VAL D 226 -7.43 -1.62 -22.46
N VAL D 227 -8.45 -0.82 -22.70
CA VAL D 227 -9.38 -1.10 -23.78
C VAL D 227 -8.72 -0.87 -25.11
N LYS D 228 -7.91 0.19 -25.14
CA LYS D 228 -7.16 0.56 -26.34
C LYS D 228 -6.12 -0.51 -26.67
N ARG D 229 -5.49 -1.09 -25.66
CA ARG D 229 -4.45 -2.09 -25.88
C ARG D 229 -5.02 -3.33 -26.57
N ILE D 230 -5.98 -3.99 -25.93
CA ILE D 230 -6.75 -5.02 -26.60
C ILE D 230 -8.22 -5.11 -26.15
N CYS D 231 -9.16 -4.86 -27.05
CA CYS D 231 -10.56 -5.19 -26.81
C CYS D 231 -11.28 -5.34 -28.15
N ASP D 232 -12.23 -6.27 -28.24
CA ASP D 232 -13.06 -6.40 -29.44
C ASP D 232 -14.23 -5.41 -29.45
N CYS D 233 -14.75 -5.14 -28.26
CA CYS D 233 -15.85 -4.18 -28.06
C CYS D 233 -15.64 -3.34 -26.79
N VAL D 234 -16.35 -2.21 -26.68
CA VAL D 234 -16.21 -1.32 -25.55
C VAL D 234 -17.48 -0.53 -25.26
N ALA D 235 -17.70 -0.21 -23.99
CA ALA D 235 -18.85 0.59 -23.61
C ALA D 235 -18.47 1.50 -22.46
N VAL D 236 -18.97 2.73 -22.47
CA VAL D 236 -18.66 3.70 -21.44
C VAL D 236 -19.81 3.86 -20.46
N ILE D 237 -19.62 3.42 -19.23
CA ILE D 237 -20.64 3.59 -18.18
C ILE D 237 -20.46 4.91 -17.43
N SER D 238 -21.54 5.66 -17.26
CA SER D 238 -21.49 6.90 -16.52
C SER D 238 -22.77 7.13 -15.72
N ASN D 239 -22.62 7.49 -14.44
CA ASN D 239 -23.76 7.71 -13.55
C ASN D 239 -24.79 6.58 -13.58
N GLY D 240 -24.31 5.35 -13.73
CA GLY D 240 -25.17 4.19 -13.67
C GLY D 240 -25.83 3.81 -14.98
N GLU D 241 -25.55 4.59 -16.02
CA GLU D 241 -26.20 4.34 -17.30
C GLU D 241 -25.15 3.97 -18.33
N LEU D 242 -25.52 3.11 -19.27
CA LEU D 242 -24.62 2.81 -20.35
C LEU D 242 -24.92 3.81 -21.49
N ILE D 243 -24.05 4.81 -21.64
CA ILE D 243 -24.28 5.93 -22.55
C ILE D 243 -23.62 5.70 -23.91
N GLU D 244 -22.89 4.60 -24.05
CA GLU D 244 -22.35 4.19 -25.34
C GLU D 244 -22.19 2.67 -25.44
N GLN D 245 -22.61 2.10 -26.57
CA GLN D 245 -22.36 0.69 -26.82
C GLN D 245 -22.05 0.39 -28.28
N ASP D 246 -20.82 -0.03 -28.59
CA ASP D 246 -20.47 -0.41 -29.96
C ASP D 246 -19.16 -1.21 -29.97
N THR D 247 -18.85 -1.88 -31.08
CA THR D 247 -17.55 -2.57 -31.24
C THR D 247 -16.38 -1.57 -31.29
N VAL D 248 -15.18 -2.04 -30.94
CA VAL D 248 -14.01 -1.18 -30.75
C VAL D 248 -13.63 -0.38 -32.00
N SER D 249 -13.69 -1.02 -33.17
CA SER D 249 -13.34 -0.37 -34.41
C SER D 249 -14.23 0.82 -34.71
N GLU D 250 -15.52 0.65 -34.46
CA GLU D 250 -16.51 1.71 -34.69
C GLU D 250 -16.61 2.72 -33.53
N VAL D 251 -16.18 2.32 -32.33
CA VAL D 251 -16.23 3.21 -31.18
C VAL D 251 -15.21 4.35 -31.34
N PHE D 252 -14.03 4.01 -31.83
CA PHE D 252 -13.00 5.02 -32.11
C PHE D 252 -13.38 5.89 -33.30
N SER D 253 -14.02 5.28 -34.29
CA SER D 253 -14.48 6.01 -35.49
C SER D 253 -15.71 6.85 -35.19
N HIS D 254 -16.61 6.35 -34.34
CA HIS D 254 -17.81 7.07 -33.93
C HIS D 254 -17.94 7.16 -32.41
N PRO D 255 -17.12 8.02 -31.78
CA PRO D 255 -17.30 8.32 -30.34
C PRO D 255 -18.34 9.42 -30.10
N LYS D 256 -19.61 9.03 -30.07
CA LYS D 256 -20.70 9.99 -29.97
C LYS D 256 -20.75 10.70 -28.62
N THR D 257 -20.54 9.95 -27.55
CA THR D 257 -20.75 10.47 -26.20
C THR D 257 -19.80 11.62 -25.86
N PRO D 258 -20.30 12.67 -25.17
CA PRO D 258 -19.44 13.79 -24.77
C PRO D 258 -18.39 13.43 -23.72
N LEU D 259 -18.70 12.43 -22.90
CA LEU D 259 -17.74 11.91 -21.94
C LEU D 259 -16.77 10.88 -22.54
N ALA D 260 -17.29 9.98 -23.39
CA ALA D 260 -16.49 8.91 -23.99
C ALA D 260 -15.31 9.43 -24.81
N GLN D 261 -15.50 10.58 -25.43
CA GLN D 261 -14.42 11.23 -26.14
C GLN D 261 -13.33 11.72 -25.17
N LYS D 262 -13.72 12.16 -23.97
CA LYS D 262 -12.75 12.68 -22.99
C LYS D 262 -11.87 11.57 -22.40
N PHE D 263 -12.39 10.34 -22.41
CA PHE D 263 -11.62 9.16 -21.99
C PHE D 263 -10.59 8.76 -23.05
N ILE D 264 -11.00 8.79 -24.33
CA ILE D 264 -10.07 8.55 -25.42
C ILE D 264 -9.11 9.75 -25.58
N GLN D 265 -9.55 10.94 -25.17
CA GLN D 265 -8.75 12.17 -25.21
C GLN D 265 -7.54 12.12 -24.27
N SER D 266 -7.64 11.28 -23.25
CA SER D 266 -6.56 11.13 -22.27
C SER D 266 -5.47 10.17 -22.70
N THR D 267 -5.63 9.56 -23.89
CA THR D 267 -4.63 8.64 -24.46
C THR D 267 -3.65 9.31 -25.43
N LEU D 268 -3.77 10.63 -25.55
CA LEU D 268 -2.94 11.43 -26.46
C LEU D 268 -1.55 11.86 -25.93
N HIS D 269 -1.42 12.06 -24.61
CA HIS D 269 -0.11 12.30 -23.98
C HIS D 269 0.79 13.28 -24.80
N LEU D 270 0.24 14.44 -25.15
CA LEU D 270 1.00 15.51 -25.77
C LEU D 270 1.81 16.32 -24.75
N ASP D 271 2.81 17.04 -25.23
CA ASP D 271 3.71 17.74 -24.32
C ASP D 271 3.92 19.25 -24.63
N ILE D 272 4.44 19.56 -25.81
CA ILE D 272 5.01 20.86 -26.14
C ILE D 272 6.11 21.17 -25.14
N PRO D 273 7.24 20.46 -25.27
CA PRO D 273 8.27 20.38 -24.24
C PRO D 273 8.84 21.74 -23.84
N GLU D 274 9.48 21.72 -22.69
CA GLU D 274 9.86 22.95 -21.99
C GLU D 274 10.91 23.73 -22.78
N ASP D 275 11.68 23.06 -23.62
CA ASP D 275 12.70 23.76 -24.41
C ASP D 275 11.99 24.70 -25.42
N TYR D 276 10.80 24.27 -25.87
CA TYR D 276 9.97 25.03 -26.81
C TYR D 276 9.12 26.07 -26.12
N GLN D 277 8.53 25.71 -25.00
CA GLN D 277 7.58 26.60 -24.36
C GLN D 277 8.26 27.89 -23.91
N GLU D 278 9.57 27.82 -23.67
CA GLU D 278 10.35 29.00 -23.36
C GLU D 278 10.47 29.85 -24.61
N ARG D 279 10.75 29.18 -25.72
CA ARG D 279 10.91 29.84 -27.02
C ARG D 279 9.55 30.25 -27.63
N LEU D 280 8.48 29.63 -27.14
CA LEU D 280 7.15 29.88 -27.66
C LEU D 280 6.80 31.37 -27.60
N GLN D 281 6.08 31.84 -28.58
CA GLN D 281 5.71 33.24 -28.65
C GLN D 281 4.26 33.40 -29.05
N ALA D 282 3.62 34.44 -28.52
CA ALA D 282 2.24 34.71 -28.83
C ALA D 282 2.12 35.33 -30.23
N GLU D 283 2.53 36.58 -30.38
CA GLU D 283 2.43 37.24 -31.66
C GLU D 283 3.67 36.89 -32.48
N PRO D 284 3.49 36.65 -33.79
CA PRO D 284 4.60 36.29 -34.67
C PRO D 284 5.70 37.33 -34.73
N PHE D 285 6.95 36.88 -34.71
CA PHE D 285 8.11 37.75 -34.78
C PHE D 285 8.94 37.51 -36.03
N THR D 286 10.03 38.26 -36.17
CA THR D 286 10.84 38.22 -37.38
C THR D 286 11.54 36.87 -37.58
N ASP D 287 11.32 36.30 -38.77
CA ASP D 287 11.95 35.04 -39.16
C ASP D 287 11.63 33.89 -38.17
N CYS D 288 10.42 33.36 -38.26
CA CYS D 288 10.01 32.23 -37.43
C CYS D 288 9.04 31.32 -38.15
N VAL D 289 8.59 30.27 -37.47
CA VAL D 289 7.62 29.33 -38.04
C VAL D 289 6.50 29.04 -37.06
N PRO D 290 5.30 28.77 -37.56
CA PRO D 290 4.18 28.45 -36.65
C PRO D 290 4.28 27.09 -35.98
N LEU D 292 2.47 24.01 -34.88
CA LEU D 292 1.13 23.40 -35.13
C LEU D 292 0.88 22.19 -34.27
N ARG D 293 -0.37 21.93 -33.94
CA ARG D 293 -0.70 20.67 -33.33
C ARG D 293 -1.80 19.99 -34.13
N LEU D 294 -1.47 18.89 -34.79
CA LEU D 294 -2.41 18.22 -35.67
C LEU D 294 -3.18 17.12 -34.93
N GLU D 295 -4.50 17.19 -34.96
CA GLU D 295 -5.31 16.17 -34.31
C GLU D 295 -5.99 15.41 -35.40
N PHE D 296 -5.62 14.16 -35.54
CA PHE D 296 -6.23 13.32 -36.56
C PHE D 296 -7.45 12.63 -36.00
N THR D 297 -8.59 12.84 -36.65
CA THR D 297 -9.86 12.37 -36.09
C THR D 297 -10.08 10.91 -36.39
N GLY D 298 -9.15 10.29 -37.08
CA GLY D 298 -9.47 9.02 -37.70
C GLY D 298 -10.10 9.08 -39.05
N GLN D 299 -9.40 9.75 -39.96
CA GLN D 299 -9.79 9.80 -41.37
C GLN D 299 -9.44 8.57 -42.24
N SER D 300 -8.18 8.41 -42.62
CA SER D 300 -7.77 7.18 -43.31
C SER D 300 -6.26 6.96 -43.23
N VAL D 301 -5.84 5.71 -43.38
CA VAL D 301 -4.42 5.42 -43.53
C VAL D 301 -4.04 5.51 -44.99
N ASP D 302 -5.02 5.39 -45.88
CA ASP D 302 -4.79 5.50 -47.32
C ASP D 302 -4.51 6.92 -47.84
N ALA D 303 -5.25 7.89 -47.32
CA ALA D 303 -5.00 9.29 -47.66
C ALA D 303 -3.74 9.84 -46.94
N PRO D 304 -2.71 10.13 -47.71
CA PRO D 304 -1.44 10.54 -47.11
C PRO D 304 -1.35 12.04 -46.94
N LEU D 305 -2.02 12.57 -45.94
CA LEU D 305 -2.16 14.01 -45.89
C LEU D 305 -0.85 14.72 -45.54
N LEU D 306 -0.11 14.17 -44.58
CA LEU D 306 1.04 14.86 -44.01
C LEU D 306 2.13 15.03 -45.06
N SER D 307 2.26 14.03 -45.93
CA SER D 307 3.27 14.04 -47.01
C SER D 307 2.75 14.84 -48.20
N GLU D 308 1.48 14.67 -48.52
CA GLU D 308 0.97 15.29 -49.73
C GLU D 308 0.82 16.75 -49.55
N THR D 309 0.73 17.17 -48.30
CA THR D 309 0.70 18.60 -48.02
C THR D 309 2.07 19.24 -48.17
N ALA D 310 3.10 18.45 -47.92
CA ALA D 310 4.43 18.94 -48.10
C ALA D 310 4.79 18.94 -49.61
N ARG D 311 4.22 17.96 -50.31
CA ARG D 311 4.43 17.83 -51.74
C ARG D 311 3.78 18.97 -52.47
N ARG D 312 2.50 19.24 -52.14
CA ARG D 312 1.64 20.23 -52.81
C ARG D 312 2.08 21.66 -52.61
N PHE D 313 2.25 22.07 -51.37
CA PHE D 313 2.58 23.46 -51.06
C PHE D 313 4.05 23.82 -50.73
N ASN D 314 4.93 22.82 -50.80
CA ASN D 314 6.34 23.02 -50.52
C ASN D 314 6.58 23.55 -49.11
N VAL D 315 6.12 22.80 -48.13
CA VAL D 315 6.37 23.12 -46.74
C VAL D 315 6.97 21.93 -46.05
N ASN D 316 7.60 22.13 -44.92
CA ASN D 316 8.24 21.01 -44.23
C ASN D 316 7.53 20.67 -42.95
N ASN D 317 6.87 19.51 -42.89
CA ASN D 317 6.31 19.18 -41.61
C ASN D 317 7.34 18.45 -40.79
N ASN D 318 7.93 19.16 -39.83
CA ASN D 318 9.01 18.61 -39.04
C ASN D 318 8.37 18.05 -37.81
N ILE D 319 8.52 16.75 -37.58
CA ILE D 319 7.69 16.17 -36.54
C ILE D 319 8.45 16.36 -35.25
N ILE D 320 7.95 17.26 -34.41
CA ILE D 320 8.58 17.53 -33.13
C ILE D 320 8.25 16.39 -32.22
N SER D 321 6.98 16.08 -32.07
CA SER D 321 6.64 14.83 -31.40
C SER D 321 5.24 14.42 -31.75
N ALA D 322 4.95 13.12 -31.72
CA ALA D 322 3.60 12.74 -32.05
C ALA D 322 3.24 11.40 -31.47
N GLN D 323 1.95 11.19 -31.21
CA GLN D 323 1.40 9.88 -30.84
C GLN D 323 0.23 9.53 -31.77
N ASP D 325 -2.01 6.13 -33.64
CA ASP D 325 -2.27 4.69 -33.56
C ASP D 325 -3.20 4.25 -34.68
N TYR D 326 -3.28 2.94 -34.88
CA TYR D 326 -4.15 2.37 -35.91
C TYR D 326 -5.25 1.50 -35.36
N ALA D 327 -6.49 1.81 -35.73
CA ALA D 327 -7.59 0.92 -35.46
C ALA D 327 -8.70 1.07 -36.50
N GLY D 328 -9.19 -0.05 -37.04
CA GLY D 328 -10.35 -0.01 -37.91
C GLY D 328 -10.13 0.62 -39.26
N GLY D 329 -8.92 0.47 -39.79
CA GLY D 329 -8.62 0.94 -41.14
C GLY D 329 -8.34 2.44 -41.29
N VAL D 330 -7.87 3.05 -40.20
CA VAL D 330 -7.53 4.47 -40.20
C VAL D 330 -6.49 4.89 -39.15
N LYS D 331 -5.69 5.91 -39.48
CA LYS D 331 -4.72 6.51 -38.54
C LYS D 331 -5.44 7.56 -37.72
N PHE D 332 -5.06 7.70 -36.45
CA PHE D 332 -5.64 8.77 -35.61
C PHE D 332 -4.65 9.18 -34.51
N GLY D 333 -5.11 9.97 -33.54
CA GLY D 333 -4.17 10.62 -32.64
C GLY D 333 -3.76 12.07 -32.90
N ILE D 334 -2.63 12.44 -32.33
CA ILE D 334 -2.18 13.81 -32.37
C ILE D 334 -0.77 13.83 -32.80
N LEU D 336 2.64 17.04 -33.02
CA LEU D 336 3.11 18.40 -32.90
C LEU D 336 4.27 18.69 -33.88
N THR D 337 4.15 19.75 -34.72
CA THR D 337 5.17 20.07 -35.72
C THR D 337 5.47 21.55 -35.84
N GLU D 338 6.57 21.87 -36.49
CA GLU D 338 6.78 23.25 -36.89
C GLU D 338 6.82 23.30 -38.40
N HIS D 340 7.67 24.92 -41.68
CA HIS D 340 8.54 25.85 -42.40
C HIS D 340 8.03 26.21 -43.79
N GLY D 341 8.62 27.25 -44.35
CA GLY D 341 8.33 27.67 -45.72
C GLY D 341 7.60 28.99 -45.89
N THR D 342 7.14 29.26 -47.12
CA THR D 342 6.52 30.55 -47.50
C THR D 342 5.24 30.80 -46.77
N GLN D 343 4.89 32.06 -46.56
CA GLN D 343 3.68 32.35 -45.79
C GLN D 343 2.41 31.91 -46.50
N GLN D 344 2.27 32.32 -47.75
CA GLN D 344 1.10 31.98 -48.52
C GLN D 344 0.97 30.46 -48.63
N ASP D 345 2.10 29.77 -48.71
CA ASP D 345 2.10 28.30 -48.83
C ASP D 345 1.68 27.67 -47.49
N THR D 346 2.20 28.22 -46.41
CA THR D 346 1.91 27.69 -45.12
C THR D 346 0.46 27.82 -44.92
N GLN D 347 -0.07 28.97 -45.28
CA GLN D 347 -1.49 29.23 -45.10
C GLN D 347 -2.31 28.29 -45.95
N ALA D 348 -1.83 27.99 -47.14
CA ALA D 348 -2.61 27.14 -48.02
C ALA D 348 -2.57 25.73 -47.50
N ALA D 349 -1.40 25.31 -47.11
CA ALA D 349 -1.25 23.93 -46.74
C ALA D 349 -2.01 23.66 -45.47
N ILE D 350 -1.92 24.59 -44.53
CA ILE D 350 -2.46 24.37 -43.20
C ILE D 350 -3.96 24.37 -43.27
N ALA D 351 -4.47 25.08 -44.25
CA ALA D 351 -5.89 25.12 -44.48
C ALA D 351 -6.31 23.92 -45.31
N TRP D 352 -5.40 23.41 -46.11
CA TRP D 352 -5.72 22.23 -46.88
C TRP D 352 -5.99 21.09 -45.93
N LEU D 353 -5.14 20.97 -44.93
CA LEU D 353 -5.32 19.91 -43.96
C LEU D 353 -6.66 20.06 -43.24
N GLN D 354 -7.11 21.28 -43.05
CA GLN D 354 -8.37 21.48 -42.37
C GLN D 354 -9.47 20.96 -43.28
N GLU D 355 -9.33 21.28 -44.56
CA GLU D 355 -10.31 20.91 -45.57
C GLU D 355 -10.41 19.41 -45.72
N HIS D 356 -9.29 18.75 -45.51
CA HIS D 356 -9.21 17.31 -45.57
C HIS D 356 -9.38 16.62 -44.22
N HIS D 357 -10.00 17.32 -43.26
CA HIS D 357 -10.40 16.75 -41.96
C HIS D 357 -9.28 16.41 -40.98
N VAL D 358 -8.46 17.42 -40.75
CA VAL D 358 -7.42 17.34 -39.75
C VAL D 358 -7.45 18.62 -38.96
N LYS D 359 -7.67 18.53 -37.67
CA LYS D 359 -7.80 19.74 -36.90
C LYS D 359 -6.41 20.30 -36.69
N VAL D 360 -6.22 21.54 -37.15
CA VAL D 360 -4.95 22.21 -36.98
C VAL D 360 -5.03 23.41 -36.09
N GLU D 361 -4.08 23.55 -35.18
CA GLU D 361 -4.12 24.62 -34.21
C GLU D 361 -2.76 25.27 -34.16
N VAL D 362 -2.67 26.55 -34.47
CA VAL D 362 -1.39 27.22 -34.26
C VAL D 362 -1.18 27.58 -32.78
N LEU D 363 -0.21 26.95 -32.14
CA LEU D 363 -0.02 27.15 -30.71
C LEU D 363 0.75 28.42 -30.41
N GLY D 364 1.37 29.00 -31.44
CA GLY D 364 2.22 30.15 -31.25
C GLY D 364 3.20 30.31 -32.39
N TYR D 365 4.32 31.00 -32.17
CA TYR D 365 5.34 31.15 -33.20
C TYR D 365 6.74 30.88 -32.64
N VAL D 366 7.55 30.17 -33.41
CA VAL D 366 8.86 29.71 -32.96
C VAL D 366 9.95 29.76 -34.03
#